data_4QGK
#
_entry.id   4QGK
#
_cell.length_a   80.137
_cell.length_b   98.582
_cell.length_c   145.703
_cell.angle_alpha   90.00
_cell.angle_beta   90.00
_cell.angle_gamma   90.00
#
_symmetry.space_group_name_H-M   'P 21 21 21'
#
loop_
_entity.id
_entity.type
_entity.pdbx_description
1 polymer 'Fatty aldehyde dehydrogenase'
2 water water
#
_entity_poly.entity_id   1
_entity_poly.type   'polypeptide(L)'
_entity_poly.pdbx_seq_one_letter_code
;AMELEVRRVRQAFLSGRSRPLRFRLQQLEALRRMVQEREKDILTAIAADLCKSEFNVYSQEVITVLGEIDFMLENLPEWV
TAKPVKKNVLTMLDEAYIQPQPLGVVLIIGAWNYPFVLTIQPLIGAIAAGNAVIIKPSELSENTAKILAKLLPQYLDQDL
YIVINGGVEETTELLKQRFDHIFYTGNTAVGKIVMEAAAKHLTPVTLELGGKSPCYIDKDCDLDIVCRRITWGKYMNCGQ
TCIAPDYILCEASLQNQIVWKIKETVKEFYGENIKESPDYERIINLRHFKRILSLLEGQKIAFGGETDEATRYIAPTVLT
DVDPKTKVMQEEIFGPILPIVPVKNVDEAINFINEREKPLALYVFSHNHKLIKRMIDETSSGGVTGNDVIMHFTLNSFPF
GGVGSSGMGAYHGKHSFDTFSHQRPCLLKSLKREGANKLRYPPNSQSKVDWGKFFLLKRFN
;
_entity_poly.pdbx_strand_id   A,B
#
# COMPACT_ATOMS: atom_id res chain seq x y z
N ALA A 1 -6.30 26.04 -16.08
CA ALA A 1 -6.67 25.02 -17.09
C ALA A 1 -6.86 23.60 -16.40
N MET A 2 -5.77 22.95 -15.98
CA MET A 2 -5.84 21.63 -15.30
C MET A 2 -6.42 21.88 -13.91
N GLU A 3 -5.94 22.94 -13.27
CA GLU A 3 -6.44 23.42 -11.99
C GLU A 3 -7.94 23.50 -11.95
N LEU A 4 -8.55 23.93 -13.04
CA LEU A 4 -10.01 24.12 -13.06
C LEU A 4 -10.70 22.80 -13.28
N GLU A 5 -10.09 22.00 -14.15
CA GLU A 5 -10.60 20.70 -14.42
C GLU A 5 -10.62 19.86 -13.12
N VAL A 6 -9.53 19.88 -12.38
CA VAL A 6 -9.48 19.04 -11.17
C VAL A 6 -10.48 19.54 -10.19
N ARG A 7 -10.59 20.86 -10.03
CA ARG A 7 -11.57 21.42 -9.10
C ARG A 7 -12.99 21.03 -9.43
N ARG A 8 -13.29 20.92 -10.71
CA ARG A 8 -14.63 20.48 -11.09
C ARG A 8 -14.91 19.06 -10.67
N VAL A 9 -13.92 18.19 -10.93
CA VAL A 9 -14.05 16.77 -10.56
C VAL A 9 -14.17 16.63 -9.03
N ARG A 10 -13.38 17.42 -8.30
CA ARG A 10 -13.41 17.37 -6.84
C ARG A 10 -14.77 17.79 -6.29
N GLN A 11 -15.31 18.88 -6.83
CA GLN A 11 -16.65 19.36 -6.38
C GLN A 11 -17.68 18.29 -6.64
N ALA A 12 -17.63 17.64 -7.78
CA ALA A 12 -18.57 16.55 -7.99
C ALA A 12 -18.41 15.42 -6.97
N PHE A 13 -17.16 15.06 -6.62
CA PHE A 13 -16.90 14.06 -5.57
C PHE A 13 -17.53 14.50 -4.24
N LEU A 14 -17.26 15.74 -3.86
CA LEU A 14 -17.82 16.33 -2.64
C LEU A 14 -19.33 16.44 -2.63
N SER A 15 -20.01 16.38 -3.77
CA SER A 15 -21.47 16.33 -3.73
C SER A 15 -21.98 15.06 -3.05
N GLY A 16 -21.20 13.96 -3.04
CA GLY A 16 -21.68 12.70 -2.46
C GLY A 16 -22.36 11.78 -3.42
N ARG A 17 -22.42 12.21 -4.68
CA ARG A 17 -23.18 11.48 -5.75
C ARG A 17 -22.64 10.05 -5.94
N SER A 18 -21.34 9.89 -5.82
CA SER A 18 -20.72 8.55 -6.08
C SER A 18 -20.69 7.62 -4.89
N ARG A 19 -21.19 8.05 -3.75
CA ARG A 19 -21.20 7.23 -2.55
C ARG A 19 -22.14 6.05 -2.51
N PRO A 20 -23.41 6.24 -2.88
CA PRO A 20 -24.34 5.10 -2.89
C PRO A 20 -23.93 3.95 -3.84
N LEU A 21 -24.06 2.75 -3.35
CA LEU A 21 -23.83 1.58 -4.16
C LEU A 21 -24.60 1.59 -5.50
N ARG A 22 -25.85 2.02 -5.43
CA ARG A 22 -26.74 2.05 -6.61
C ARG A 22 -26.17 2.93 -7.72
N PHE A 23 -25.62 4.09 -7.35
CA PHE A 23 -25.04 4.96 -8.30
C PHE A 23 -23.80 4.32 -8.98
N ARG A 24 -22.86 3.72 -8.22
CA ARG A 24 -21.73 3.00 -8.74
C ARG A 24 -22.15 1.85 -9.65
N LEU A 25 -23.11 1.06 -9.23
CA LEU A 25 -23.65 0.02 -10.14
C LEU A 25 -24.16 0.61 -11.49
N GLN A 26 -24.77 1.78 -11.44
CA GLN A 26 -25.33 2.39 -12.68
C GLN A 26 -24.23 2.76 -13.62
N GLN A 27 -23.17 3.33 -13.04
CA GLN A 27 -22.05 3.77 -13.82
C GLN A 27 -21.34 2.61 -14.45
N LEU A 28 -21.19 1.51 -13.73
CA LEU A 28 -20.56 0.32 -14.38
C LEU A 28 -21.44 -0.30 -15.47
N GLU A 29 -22.75 -0.24 -15.28
CA GLU A 29 -23.68 -0.71 -16.33
C GLU A 29 -23.58 0.22 -17.57
N ALA A 30 -23.51 1.51 -17.32
CA ALA A 30 -23.36 2.48 -18.40
C ALA A 30 -22.04 2.20 -19.16
N LEU A 31 -21.00 1.84 -18.40
CA LEU A 31 -19.73 1.54 -19.01
C LEU A 31 -19.79 0.31 -19.87
N ARG A 32 -20.50 -0.72 -19.39
CA ARG A 32 -20.61 -1.96 -20.15
C ARG A 32 -21.38 -1.65 -21.42
N ARG A 33 -22.34 -0.77 -21.30
CA ARG A 33 -23.20 -0.38 -22.43
C ARG A 33 -22.37 0.34 -23.51
N MET A 34 -21.46 1.19 -23.04
CA MET A 34 -20.56 1.89 -23.90
C MET A 34 -19.72 0.87 -24.67
N VAL A 35 -19.23 -0.16 -23.97
CA VAL A 35 -18.34 -1.11 -24.66
C VAL A 35 -19.09 -1.96 -25.71
N GLN A 36 -20.33 -2.24 -25.40
CA GLN A 36 -21.20 -3.04 -26.28
C GLN A 36 -21.70 -2.23 -27.47
N GLU A 37 -22.29 -1.10 -27.20
CA GLU A 37 -22.89 -0.26 -28.27
C GLU A 37 -21.83 0.35 -29.17
N ARG A 38 -20.67 0.67 -28.63
CA ARG A 38 -19.66 1.31 -29.44
C ARG A 38 -18.40 0.45 -29.69
N GLU A 39 -18.59 -0.87 -29.61
CA GLU A 39 -17.55 -1.82 -29.84
C GLU A 39 -16.77 -1.60 -31.14
N LYS A 40 -17.49 -1.40 -32.23
CA LYS A 40 -16.83 -1.30 -33.49
C LYS A 40 -15.87 -0.08 -33.51
N ASP A 41 -16.32 1.01 -32.93
CA ASP A 41 -15.53 2.23 -32.84
C ASP A 41 -14.32 1.97 -32.02
N ILE A 42 -14.50 1.18 -30.94
CA ILE A 42 -13.43 1.00 -29.99
C ILE A 42 -12.39 0.13 -30.63
N LEU A 43 -12.83 -0.90 -31.34
CA LEU A 43 -11.90 -1.85 -31.98
C LEU A 43 -11.08 -1.19 -33.06
N THR A 44 -11.71 -0.27 -33.77
CA THR A 44 -11.05 0.38 -34.89
C THR A 44 -9.96 1.28 -34.37
N ALA A 45 -10.28 2.03 -33.33
CA ALA A 45 -9.28 2.89 -32.69
C ALA A 45 -8.09 2.16 -32.23
N ILE A 46 -8.27 1.06 -31.49
CA ILE A 46 -7.10 0.31 -30.97
C ILE A 46 -6.37 -0.35 -32.12
N ALA A 47 -7.14 -0.89 -33.06
CA ALA A 47 -6.54 -1.55 -34.23
C ALA A 47 -5.57 -0.64 -34.98
N ALA A 48 -6.02 0.58 -35.24
CA ALA A 48 -5.12 1.57 -35.90
C ALA A 48 -3.87 1.91 -35.04
N ASP A 49 -3.98 2.04 -33.72
CA ASP A 49 -2.82 2.40 -32.92
C ASP A 49 -1.74 1.35 -32.98
N LEU A 50 -2.14 0.09 -32.95
CA LEU A 50 -1.15 -0.99 -32.84
C LEU A 50 -0.99 -1.81 -34.12
N CYS A 51 -1.68 -1.38 -35.17
CA CYS A 51 -1.87 -2.13 -36.44
C CYS A 51 -2.25 -3.54 -36.13
N LYS A 52 -3.36 -3.66 -35.44
CA LYS A 52 -3.69 -4.95 -34.81
C LYS A 52 -5.03 -5.37 -35.41
N SER A 53 -5.26 -6.67 -35.55
CA SER A 53 -6.58 -7.16 -36.05
C SER A 53 -7.69 -6.93 -35.01
N GLU A 54 -8.89 -6.67 -35.51
CA GLU A 54 -10.05 -6.52 -34.62
C GLU A 54 -10.30 -7.79 -33.71
N PHE A 55 -10.01 -8.99 -34.21
CA PHE A 55 -10.16 -10.21 -33.47
C PHE A 55 -9.19 -10.17 -32.32
N ASN A 56 -7.94 -9.81 -32.55
CA ASN A 56 -6.99 -9.73 -31.47
C ASN A 56 -7.27 -8.64 -30.47
N VAL A 57 -7.82 -7.49 -30.90
CA VAL A 57 -8.14 -6.46 -30.02
C VAL A 57 -9.30 -6.93 -29.14
N TYR A 58 -10.26 -7.56 -29.76
CA TYR A 58 -11.40 -8.04 -29.06
C TYR A 58 -10.94 -9.03 -27.97
N SER A 59 -10.10 -9.98 -28.33
CA SER A 59 -9.80 -11.12 -27.45
C SER A 59 -8.79 -10.72 -26.37
N GLN A 60 -7.98 -9.74 -26.62
CA GLN A 60 -7.00 -9.30 -25.65
C GLN A 60 -7.53 -8.16 -24.76
N GLU A 61 -8.26 -7.22 -25.32
CA GLU A 61 -8.63 -6.01 -24.60
C GLU A 61 -10.06 -5.97 -24.19
N VAL A 62 -10.95 -6.17 -25.12
CA VAL A 62 -12.34 -5.91 -24.86
C VAL A 62 -12.88 -6.98 -23.92
N ILE A 63 -12.50 -8.24 -24.17
CA ILE A 63 -12.95 -9.34 -23.27
C ILE A 63 -12.51 -9.08 -21.83
N THR A 64 -11.25 -8.69 -21.67
CA THR A 64 -10.69 -8.46 -20.34
C THR A 64 -11.48 -7.38 -19.66
N VAL A 65 -11.76 -6.29 -20.37
CA VAL A 65 -12.54 -5.20 -19.81
C VAL A 65 -13.98 -5.65 -19.43
N LEU A 66 -14.64 -6.38 -20.32
CA LEU A 66 -15.99 -6.77 -20.01
C LEU A 66 -16.05 -7.73 -18.86
N GLY A 67 -15.11 -8.67 -18.86
CA GLY A 67 -14.91 -9.63 -17.71
C GLY A 67 -14.72 -8.91 -16.39
N GLU A 68 -13.94 -7.83 -16.39
CA GLU A 68 -13.73 -7.09 -15.15
C GLU A 68 -15.04 -6.42 -14.72
N ILE A 69 -15.76 -5.80 -15.67
CA ILE A 69 -17.06 -5.17 -15.27
C ILE A 69 -18.04 -6.19 -14.66
N ASP A 70 -18.15 -7.38 -15.28
CA ASP A 70 -19.08 -8.41 -14.79
C ASP A 70 -18.63 -8.86 -13.38
N PHE A 71 -17.33 -9.00 -13.19
CA PHE A 71 -16.86 -9.38 -11.87
C PHE A 71 -17.24 -8.35 -10.81
N MET A 72 -17.09 -7.09 -11.14
CA MET A 72 -17.43 -6.06 -10.19
C MET A 72 -18.92 -5.92 -9.91
N LEU A 73 -19.74 -6.01 -10.98
CA LEU A 73 -21.20 -5.87 -10.82
C LEU A 73 -21.76 -6.93 -9.91
N GLU A 74 -21.18 -8.10 -10.00
CA GLU A 74 -21.56 -9.19 -9.16
C GLU A 74 -21.02 -9.08 -7.70
N ASN A 75 -19.80 -8.59 -7.46
CA ASN A 75 -19.21 -8.73 -6.10
C ASN A 75 -19.25 -7.48 -5.25
N LEU A 76 -19.48 -6.34 -5.90
CA LEU A 76 -19.44 -5.06 -5.29
C LEU A 76 -20.43 -4.85 -4.17
N PRO A 77 -21.69 -5.30 -4.30
CA PRO A 77 -22.62 -5.18 -3.12
C PRO A 77 -22.02 -5.85 -1.84
N GLU A 78 -21.30 -6.94 -2.02
CA GLU A 78 -20.64 -7.56 -0.85
C GLU A 78 -19.42 -6.72 -0.38
N TRP A 79 -18.62 -6.20 -1.32
CA TRP A 79 -17.44 -5.44 -0.97
C TRP A 79 -17.70 -4.18 -0.19
N VAL A 80 -18.83 -3.51 -0.40
CA VAL A 80 -19.01 -2.23 0.23
C VAL A 80 -19.54 -2.35 1.64
N THR A 81 -19.94 -3.53 2.06
CA THR A 81 -20.53 -3.65 3.38
C THR A 81 -19.41 -3.66 4.45
N ALA A 82 -19.75 -3.16 5.59
CA ALA A 82 -18.99 -3.20 6.82
C ALA A 82 -18.60 -4.62 7.19
N LYS A 83 -17.35 -4.91 7.52
CA LYS A 83 -16.95 -6.30 7.90
C LYS A 83 -16.63 -6.38 9.41
N PRO A 84 -17.40 -7.15 10.17
CA PRO A 84 -17.11 -7.38 11.61
C PRO A 84 -15.68 -7.94 11.72
N VAL A 85 -14.98 -7.53 12.74
CA VAL A 85 -13.66 -8.14 13.01
C VAL A 85 -13.58 -8.83 14.37
N LYS A 86 -12.53 -9.66 14.52
CA LYS A 86 -12.23 -10.33 15.76
C LYS A 86 -11.88 -9.27 16.83
N LYS A 87 -12.53 -9.33 17.97
CA LYS A 87 -12.34 -8.41 19.01
C LYS A 87 -11.33 -9.02 20.04
N ASN A 88 -11.01 -8.32 21.12
CA ASN A 88 -10.18 -8.79 22.24
C ASN A 88 -10.94 -8.57 23.59
N VAL A 89 -10.29 -8.80 24.71
CA VAL A 89 -11.04 -9.03 25.96
C VAL A 89 -11.61 -7.69 26.42
N LEU A 90 -10.87 -6.65 26.14
CA LEU A 90 -11.31 -5.30 26.50
C LEU A 90 -12.41 -4.82 25.62
N THR A 91 -12.63 -5.42 24.44
CA THR A 91 -13.61 -4.90 23.48
C THR A 91 -14.69 -5.88 23.11
N MET A 92 -14.72 -7.04 23.77
CA MET A 92 -15.62 -8.11 23.34
C MET A 92 -17.09 -7.66 23.37
N LEU A 93 -17.51 -6.81 24.30
CA LEU A 93 -18.93 -6.43 24.38
C LEU A 93 -19.33 -5.26 23.41
N ASP A 94 -18.36 -4.74 22.65
CA ASP A 94 -18.55 -3.70 21.70
C ASP A 94 -18.77 -4.16 20.25
N GLU A 95 -18.95 -3.23 19.35
CA GLU A 95 -19.14 -3.51 17.93
C GLU A 95 -17.90 -3.01 17.24
N ALA A 96 -17.31 -3.87 16.40
CA ALA A 96 -16.07 -3.54 15.76
C ALA A 96 -16.11 -3.95 14.33
N TYR A 97 -15.78 -3.07 13.42
CA TYR A 97 -15.83 -3.42 11.99
C TYR A 97 -14.92 -2.58 11.15
N ILE A 98 -14.64 -3.05 9.96
CA ILE A 98 -13.90 -2.30 8.96
C ILE A 98 -14.84 -1.97 7.78
N GLN A 99 -14.89 -0.72 7.43
CA GLN A 99 -15.72 -0.28 6.34
C GLN A 99 -14.92 0.45 5.24
N PRO A 100 -15.08 0.03 4.01
CA PRO A 100 -14.39 0.67 2.95
C PRO A 100 -15.03 1.98 2.54
N GLN A 101 -14.19 2.96 2.19
CA GLN A 101 -14.62 4.30 1.77
C GLN A 101 -13.78 4.75 0.65
N PRO A 102 -14.32 5.60 -0.25
CA PRO A 102 -13.51 6.18 -1.33
C PRO A 102 -12.39 7.10 -0.83
N LEU A 103 -11.31 7.16 -1.53
CA LEU A 103 -10.18 8.01 -1.19
C LEU A 103 -10.50 9.49 -1.56
N GLY A 104 -11.13 9.67 -2.71
CA GLY A 104 -11.44 11.02 -3.22
C GLY A 104 -11.35 11.02 -4.74
N VAL A 105 -10.59 11.97 -5.30
CA VAL A 105 -10.28 11.98 -6.74
C VAL A 105 -9.02 11.21 -7.12
N VAL A 106 -9.18 10.26 -8.03
CA VAL A 106 -8.09 9.36 -8.44
C VAL A 106 -7.61 9.74 -9.84
N LEU A 107 -6.30 9.81 -10.01
CA LEU A 107 -5.72 10.03 -11.31
C LEU A 107 -5.17 8.72 -11.90
N ILE A 108 -5.62 8.36 -13.12
CA ILE A 108 -5.08 7.22 -13.85
C ILE A 108 -4.30 7.71 -15.08
N ILE A 109 -3.02 7.38 -15.10
CA ILE A 109 -2.16 7.62 -16.25
C ILE A 109 -1.98 6.29 -16.99
N GLY A 110 -2.38 6.30 -18.26
CA GLY A 110 -2.45 5.11 -19.08
C GLY A 110 -1.20 4.88 -19.82
N ALA A 111 -0.97 3.64 -20.22
CA ALA A 111 0.15 3.35 -21.11
C ALA A 111 -0.36 3.04 -22.55
N TRP A 112 0.56 2.99 -23.51
CA TRP A 112 0.16 2.98 -24.93
C TRP A 112 -0.01 1.58 -25.50
N ASN A 113 0.61 0.59 -24.89
CA ASN A 113 0.63 -0.74 -25.43
C ASN A 113 -0.70 -1.52 -25.39
N TYR A 114 -1.43 -1.40 -24.32
CA TYR A 114 -2.81 -1.90 -24.33
C TYR A 114 -3.64 -0.78 -23.84
N PRO A 115 -3.96 0.13 -24.75
CA PRO A 115 -4.38 1.44 -24.24
C PRO A 115 -5.76 1.47 -23.72
N PHE A 116 -6.54 0.44 -24.05
CA PHE A 116 -7.90 0.44 -23.50
C PHE A 116 -7.89 -0.33 -22.14
N VAL A 117 -7.24 -1.48 -22.10
CA VAL A 117 -7.17 -2.19 -20.88
C VAL A 117 -6.51 -1.37 -19.82
N LEU A 118 -5.40 -0.72 -20.15
CA LEU A 118 -4.64 -0.01 -19.11
C LEU A 118 -5.23 1.33 -18.66
N THR A 119 -6.28 1.75 -19.30
CA THR A 119 -7.01 2.87 -18.77
C THR A 119 -8.27 2.39 -18.14
N ILE A 120 -9.00 1.48 -18.80
CA ILE A 120 -10.34 1.22 -18.36
C ILE A 120 -10.40 0.21 -17.20
N GLN A 121 -9.50 -0.75 -17.16
CA GLN A 121 -9.47 -1.69 -16.07
C GLN A 121 -9.27 -0.99 -14.71
N PRO A 122 -8.29 -0.07 -14.59
CA PRO A 122 -8.15 0.69 -13.32
C PRO A 122 -9.38 1.55 -13.07
N LEU A 123 -9.94 2.12 -14.12
CA LEU A 123 -11.12 2.92 -13.97
C LEU A 123 -12.26 2.16 -13.37
N ILE A 124 -12.45 0.89 -13.76
CA ILE A 124 -13.55 0.15 -13.23
C ILE A 124 -13.43 0.05 -11.69
N GLY A 125 -12.23 -0.28 -11.23
CA GLY A 125 -11.98 -0.38 -9.81
C GLY A 125 -12.21 0.92 -9.08
N ALA A 126 -11.82 2.03 -9.71
CA ALA A 126 -11.92 3.33 -9.01
C ALA A 126 -13.33 3.80 -8.95
N ILE A 127 -14.12 3.50 -9.99
CA ILE A 127 -15.55 3.77 -9.96
C ILE A 127 -16.21 2.95 -8.88
N ALA A 128 -15.94 1.64 -8.91
CA ALA A 128 -16.53 0.70 -7.98
C ALA A 128 -16.27 1.08 -6.49
N ALA A 129 -15.09 1.65 -6.20
CA ALA A 129 -14.79 2.18 -4.88
C ALA A 129 -15.36 3.54 -4.55
N GLY A 130 -16.16 4.13 -5.46
CA GLY A 130 -16.81 5.41 -5.14
C GLY A 130 -16.03 6.67 -5.41
N ASN A 131 -14.96 6.59 -6.21
CA ASN A 131 -14.11 7.78 -6.41
C ASN A 131 -14.58 8.54 -7.62
N ALA A 132 -14.16 9.79 -7.70
CA ALA A 132 -14.13 10.55 -8.96
C ALA A 132 -12.84 10.19 -9.67
N VAL A 133 -12.79 10.25 -11.00
CA VAL A 133 -11.63 9.74 -11.70
C VAL A 133 -11.30 10.63 -12.86
N ILE A 134 -10.01 10.90 -13.03
CA ILE A 134 -9.46 11.55 -14.17
C ILE A 134 -8.55 10.57 -14.85
N ILE A 135 -8.80 10.26 -16.09
CA ILE A 135 -7.91 9.45 -16.92
C ILE A 135 -7.05 10.36 -17.86
N LYS A 136 -5.75 10.11 -17.88
CA LYS A 136 -4.82 10.68 -18.79
C LYS A 136 -4.24 9.59 -19.70
N PRO A 137 -4.85 9.41 -20.86
CA PRO A 137 -4.36 8.37 -21.77
C PRO A 137 -3.02 8.68 -22.34
N SER A 138 -2.26 7.67 -22.71
CA SER A 138 -0.96 7.92 -23.41
C SER A 138 -1.13 8.61 -24.81
N GLU A 139 -0.34 9.68 -25.07
CA GLU A 139 -0.25 10.39 -26.36
C GLU A 139 0.13 9.47 -27.50
N LEU A 140 0.87 8.39 -27.18
CA LEU A 140 1.38 7.50 -28.22
C LEU A 140 0.32 6.64 -28.84
N SER A 141 -0.80 6.41 -28.17
CA SER A 141 -1.95 5.70 -28.76
C SER A 141 -3.08 6.62 -29.02
N GLU A 142 -2.91 7.33 -30.14
CA GLU A 142 -3.61 8.56 -30.38
C GLU A 142 -5.06 8.31 -30.71
N ASN A 143 -5.35 7.30 -31.50
CA ASN A 143 -6.75 7.03 -31.89
C ASN A 143 -7.57 6.64 -30.66
N THR A 144 -6.96 5.84 -29.79
CA THR A 144 -7.62 5.41 -28.54
C THR A 144 -7.78 6.57 -27.57
N ALA A 145 -6.72 7.36 -27.42
CA ALA A 145 -6.88 8.60 -26.63
C ALA A 145 -8.13 9.41 -27.06
N LYS A 146 -8.31 9.58 -28.37
CA LYS A 146 -9.44 10.42 -28.84
C LYS A 146 -10.79 9.74 -28.64
N ILE A 147 -10.88 8.44 -28.93
CA ILE A 147 -12.19 7.78 -28.77
C ILE A 147 -12.66 7.74 -27.28
N LEU A 148 -11.72 7.60 -26.36
CA LEU A 148 -12.08 7.68 -24.90
C LEU A 148 -12.64 9.03 -24.52
N ALA A 149 -11.95 10.07 -24.95
CA ALA A 149 -12.43 11.43 -24.75
C ALA A 149 -13.81 11.63 -25.42
N LYS A 150 -14.05 11.02 -26.54
CA LYS A 150 -15.38 11.19 -27.19
C LYS A 150 -16.43 10.37 -26.52
N LEU A 151 -16.12 9.09 -26.23
CA LEU A 151 -17.18 8.17 -25.67
C LEU A 151 -17.55 8.31 -24.23
N LEU A 152 -16.58 8.50 -23.37
CA LEU A 152 -16.86 8.50 -21.91
C LEU A 152 -17.95 9.51 -21.48
N PRO A 153 -17.85 10.78 -21.89
CA PRO A 153 -18.95 11.70 -21.56
C PRO A 153 -20.32 11.40 -22.20
N GLN A 154 -20.39 10.52 -23.19
CA GLN A 154 -21.72 10.11 -23.67
C GLN A 154 -22.37 9.02 -22.79
N TYR A 155 -21.60 8.32 -21.95
CA TYR A 155 -22.19 7.27 -21.08
C TYR A 155 -22.10 7.47 -19.58
N LEU A 156 -20.99 8.05 -19.10
CA LEU A 156 -20.76 8.22 -17.67
C LEU A 156 -21.03 9.64 -17.25
N ASP A 157 -21.30 9.80 -15.97
CA ASP A 157 -21.36 11.10 -15.32
C ASP A 157 -20.18 12.00 -15.76
N GLN A 158 -20.56 13.15 -16.29
CA GLN A 158 -19.60 13.95 -17.04
C GLN A 158 -18.76 14.81 -16.14
N ASP A 159 -19.16 15.02 -14.89
CA ASP A 159 -18.30 15.71 -13.94
C ASP A 159 -17.44 14.77 -13.05
N LEU A 160 -17.93 13.57 -12.75
CA LEU A 160 -17.16 12.61 -11.85
C LEU A 160 -16.04 11.90 -12.54
N TYR A 161 -16.18 11.72 -13.85
CA TYR A 161 -15.25 10.89 -14.59
C TYR A 161 -14.88 11.60 -15.91
N ILE A 162 -13.67 12.08 -16.01
CA ILE A 162 -13.24 12.83 -17.22
C ILE A 162 -12.00 12.24 -17.82
N VAL A 163 -11.74 12.65 -19.05
CA VAL A 163 -10.54 12.33 -19.77
C VAL A 163 -9.84 13.63 -20.04
N ILE A 164 -8.55 13.68 -19.75
CA ILE A 164 -7.69 14.76 -20.12
C ILE A 164 -6.57 14.21 -21.01
N ASN A 165 -6.51 14.71 -22.25
CA ASN A 165 -5.47 14.31 -23.20
C ASN A 165 -4.32 15.26 -23.22
N GLY A 166 -3.14 14.72 -23.52
CA GLY A 166 -1.94 15.54 -23.62
C GLY A 166 -0.71 14.70 -23.37
N GLY A 167 0.44 15.32 -23.54
CA GLY A 167 1.70 14.63 -23.39
C GLY A 167 2.45 15.13 -22.19
N VAL A 168 3.77 15.08 -22.29
CA VAL A 168 4.61 15.27 -21.12
C VAL A 168 4.28 16.58 -20.39
N GLU A 169 4.15 17.67 -21.12
CA GLU A 169 4.06 18.95 -20.46
C GLU A 169 2.69 19.13 -19.80
N GLU A 170 1.62 18.71 -20.45
CA GLU A 170 0.31 18.74 -19.78
C GLU A 170 0.28 17.73 -18.61
N THR A 171 0.95 16.61 -18.74
CA THR A 171 1.02 15.67 -17.62
C THR A 171 1.74 16.29 -16.39
N THR A 172 2.84 16.96 -16.66
CA THR A 172 3.56 17.73 -15.68
C THR A 172 2.67 18.76 -14.98
N GLU A 173 1.84 19.47 -15.72
CA GLU A 173 0.92 20.43 -15.08
C GLU A 173 -0.16 19.72 -14.29
N LEU A 174 -0.65 18.62 -14.86
CA LEU A 174 -1.70 17.84 -14.21
C LEU A 174 -1.19 17.27 -12.87
N LEU A 175 0.05 16.76 -12.85
CA LEU A 175 0.72 16.27 -11.65
C LEU A 175 1.02 17.29 -10.60
N LYS A 176 0.79 18.59 -10.86
CA LYS A 176 0.92 19.62 -9.80
C LYS A 176 -0.33 19.71 -8.97
N GLN A 177 -1.43 19.16 -9.47
CA GLN A 177 -2.70 19.27 -8.80
C GLN A 177 -2.77 18.19 -7.72
N ARG A 178 -3.72 18.36 -6.83
CA ARG A 178 -3.86 17.49 -5.69
C ARG A 178 -4.84 16.34 -5.96
N PHE A 179 -4.34 15.11 -5.99
CA PHE A 179 -5.21 13.94 -6.10
C PHE A 179 -5.18 13.15 -4.80
N ASP A 180 -6.16 12.29 -4.66
CA ASP A 180 -6.23 11.38 -3.50
C ASP A 180 -5.56 10.05 -3.75
N HIS A 181 -5.26 9.75 -5.00
CA HIS A 181 -4.48 8.58 -5.31
C HIS A 181 -4.06 8.76 -6.75
N ILE A 182 -2.87 8.30 -7.08
CA ILE A 182 -2.36 8.30 -8.42
C ILE A 182 -1.95 6.93 -8.90
N PHE A 183 -2.51 6.50 -10.01
CA PHE A 183 -2.27 5.21 -10.58
C PHE A 183 -1.51 5.35 -11.92
N TYR A 184 -0.33 4.74 -12.04
CA TYR A 184 0.51 4.91 -13.21
C TYR A 184 0.98 3.61 -13.72
N THR A 185 0.86 3.37 -15.02
CA THR A 185 1.56 2.26 -15.66
C THR A 185 2.52 2.82 -16.69
N GLY A 186 3.72 2.31 -16.71
CA GLY A 186 4.74 2.74 -17.66
C GLY A 186 6.13 2.30 -17.22
N ASN A 187 7.07 3.21 -17.23
CA ASN A 187 8.47 2.84 -17.03
C ASN A 187 8.98 3.44 -15.77
N THR A 188 10.13 2.93 -15.38
CA THR A 188 10.77 3.23 -14.11
C THR A 188 11.04 4.69 -13.92
N ALA A 189 11.50 5.36 -14.97
CA ALA A 189 11.94 6.76 -14.85
C ALA A 189 10.79 7.73 -14.76
N VAL A 190 9.70 7.42 -15.43
CA VAL A 190 8.53 8.27 -15.22
C VAL A 190 7.87 7.92 -13.88
N GLY A 191 8.00 6.68 -13.43
CA GLY A 191 7.46 6.32 -12.15
C GLY A 191 8.01 7.19 -11.03
N LYS A 192 9.32 7.45 -11.09
CA LYS A 192 10.03 8.28 -10.11
C LYS A 192 9.51 9.67 -10.10
N ILE A 193 9.18 10.14 -11.28
CA ILE A 193 8.66 11.45 -11.44
C ILE A 193 7.27 11.52 -10.87
N VAL A 194 6.46 10.49 -11.12
CA VAL A 194 5.09 10.48 -10.60
C VAL A 194 5.11 10.47 -9.08
N MET A 195 6.00 9.64 -8.55
CA MET A 195 6.14 9.54 -7.08
C MET A 195 6.66 10.81 -6.44
N GLU A 196 7.64 11.47 -7.06
CA GLU A 196 8.08 12.82 -6.64
C GLU A 196 6.95 13.79 -6.60
N ALA A 197 6.12 13.84 -7.65
CA ALA A 197 4.98 14.77 -7.59
C ALA A 197 4.00 14.39 -6.48
N ALA A 198 3.77 13.09 -6.32
CA ALA A 198 2.85 12.64 -5.30
C ALA A 198 3.36 12.98 -3.93
N ALA A 199 4.68 12.94 -3.77
CA ALA A 199 5.29 13.31 -2.50
C ALA A 199 4.93 14.75 -2.06
N LYS A 200 4.71 15.68 -3.02
CA LYS A 200 4.31 17.04 -2.65
C LYS A 200 3.00 17.10 -1.88
N HIS A 201 2.10 16.21 -2.15
CA HIS A 201 0.80 16.22 -1.46
C HIS A 201 0.49 14.97 -0.62
N LEU A 202 1.49 14.17 -0.30
CA LEU A 202 1.31 12.89 0.41
C LEU A 202 0.21 12.07 -0.24
N THR A 203 0.28 11.92 -1.55
CA THR A 203 -0.70 11.18 -2.28
C THR A 203 -0.18 9.76 -2.44
N PRO A 204 -0.96 8.78 -2.07
CA PRO A 204 -0.48 7.37 -2.32
C PRO A 204 -0.50 7.04 -3.81
N VAL A 205 0.34 6.07 -4.23
CA VAL A 205 0.53 5.78 -5.59
C VAL A 205 0.50 4.33 -5.77
N THR A 206 0.05 3.89 -6.93
CA THR A 206 0.24 2.59 -7.44
C THR A 206 1.02 2.75 -8.76
N LEU A 207 2.10 2.01 -8.87
CA LEU A 207 3.01 2.11 -9.98
C LEU A 207 3.23 0.72 -10.55
N GLU A 208 2.86 0.51 -11.79
CA GLU A 208 2.99 -0.73 -12.54
C GLU A 208 4.04 -0.46 -13.56
N LEU A 209 5.23 -0.94 -13.27
CA LEU A 209 6.37 -0.61 -14.05
C LEU A 209 6.83 -1.88 -14.78
N GLY A 210 8.01 -1.90 -15.27
CA GLY A 210 8.45 -3.04 -16.05
C GLY A 210 9.79 -3.58 -15.56
N GLY A 211 10.62 -4.02 -16.48
CA GLY A 211 11.85 -4.75 -16.19
C GLY A 211 11.98 -5.80 -17.30
N LYS A 212 12.90 -6.73 -17.09
CA LYS A 212 13.18 -7.78 -18.01
C LYS A 212 12.67 -9.01 -17.30
N SER A 213 11.51 -9.50 -17.73
CA SER A 213 10.95 -10.68 -17.16
C SER A 213 11.76 -11.90 -17.66
N PRO A 214 12.45 -12.58 -16.78
CA PRO A 214 13.20 -13.74 -17.29
C PRO A 214 12.36 -15.02 -17.47
N CYS A 215 12.91 -15.91 -18.26
CA CYS A 215 12.31 -17.16 -18.58
C CYS A 215 13.34 -18.26 -18.54
N TYR A 216 13.29 -19.10 -17.53
CA TYR A 216 14.23 -20.19 -17.33
C TYR A 216 13.66 -21.45 -17.93
N ILE A 217 14.44 -22.14 -18.77
CA ILE A 217 14.06 -23.43 -19.31
C ILE A 217 15.01 -24.49 -18.82
N ASP A 218 14.49 -25.44 -18.07
CA ASP A 218 15.25 -26.62 -17.55
C ASP A 218 15.38 -27.60 -18.69
N LYS A 219 16.48 -28.32 -18.75
CA LYS A 219 16.59 -29.37 -19.77
C LYS A 219 15.50 -30.46 -19.57
N ASP A 220 15.13 -30.78 -18.35
CA ASP A 220 14.06 -31.76 -18.13
C ASP A 220 12.67 -31.09 -18.37
N CYS A 221 12.25 -31.07 -19.62
CA CYS A 221 10.95 -30.52 -20.00
C CYS A 221 10.57 -31.07 -21.40
N ASP A 222 9.36 -30.77 -21.86
CA ASP A 222 8.97 -31.07 -23.27
C ASP A 222 9.17 -29.75 -24.06
N LEU A 223 10.26 -29.68 -24.79
CA LEU A 223 10.61 -28.42 -25.44
C LEU A 223 9.65 -27.96 -26.47
N ASP A 224 8.86 -28.85 -27.05
CA ASP A 224 7.89 -28.44 -28.10
C ASP A 224 6.77 -27.63 -27.48
N ILE A 225 6.26 -28.10 -26.36
CA ILE A 225 5.29 -27.31 -25.60
C ILE A 225 5.91 -25.98 -25.13
N VAL A 226 7.10 -26.05 -24.49
CA VAL A 226 7.74 -24.85 -23.93
C VAL A 226 7.84 -23.75 -25.01
N CYS A 227 8.34 -24.14 -26.19
CA CYS A 227 8.58 -23.15 -27.24
C CYS A 227 7.31 -22.54 -27.83
N ARG A 228 6.23 -23.31 -27.85
CA ARG A 228 4.99 -22.77 -28.33
C ARG A 228 4.48 -21.70 -27.37
N ARG A 229 4.56 -21.99 -26.07
CA ARG A 229 4.02 -21.06 -25.11
C ARG A 229 4.84 -19.73 -25.11
N ILE A 230 6.16 -19.85 -25.11
CA ILE A 230 7.04 -18.69 -25.14
C ILE A 230 6.85 -17.91 -26.42
N THR A 231 6.67 -18.64 -27.54
CA THR A 231 6.53 -17.97 -28.79
C THR A 231 5.30 -17.13 -28.72
N TRP A 232 4.21 -17.73 -28.22
CA TRP A 232 2.97 -17.01 -28.06
C TRP A 232 3.11 -15.72 -27.24
N GLY A 233 3.75 -15.79 -26.08
CA GLY A 233 3.78 -14.67 -25.16
C GLY A 233 4.80 -13.62 -25.55
N LYS A 234 5.88 -14.07 -26.21
CA LYS A 234 6.88 -13.19 -26.70
C LYS A 234 6.43 -12.33 -27.82
N TYR A 235 5.71 -12.92 -28.77
CA TYR A 235 5.40 -12.21 -30.05
C TYR A 235 4.02 -11.62 -30.11
N MET A 236 3.16 -11.96 -29.14
CA MET A 236 1.91 -11.15 -28.99
C MET A 236 2.22 -9.66 -28.88
N ASN A 237 1.49 -8.83 -29.61
CA ASN A 237 1.65 -7.41 -29.59
C ASN A 237 3.05 -7.03 -30.01
N CYS A 238 3.71 -7.89 -30.76
CA CYS A 238 5.11 -7.68 -31.05
C CYS A 238 6.00 -7.60 -29.86
N GLY A 239 5.69 -8.33 -28.78
CA GLY A 239 6.55 -8.26 -27.62
C GLY A 239 6.47 -6.97 -26.85
N GLN A 240 5.48 -6.16 -27.18
CA GLN A 240 5.27 -4.92 -26.53
C GLN A 240 4.29 -5.07 -25.35
N THR A 241 4.79 -5.78 -24.35
CA THR A 241 4.06 -6.19 -23.18
C THR A 241 5.01 -6.24 -21.98
N CYS A 242 4.59 -5.72 -20.85
CA CYS A 242 5.39 -5.78 -19.59
C CYS A 242 5.66 -7.17 -19.02
N ILE A 243 4.67 -8.01 -19.22
CA ILE A 243 4.75 -9.41 -18.82
C ILE A 243 5.27 -10.34 -19.92
N ALA A 244 5.68 -9.81 -21.08
CA ALA A 244 6.23 -10.71 -22.10
C ALA A 244 7.50 -11.33 -21.50
N PRO A 245 7.81 -12.56 -21.83
CA PRO A 245 9.16 -13.08 -21.56
C PRO A 245 10.19 -12.19 -22.27
N ASP A 246 11.13 -11.59 -21.54
CA ASP A 246 12.05 -10.64 -22.15
C ASP A 246 13.22 -11.39 -22.74
N TYR A 247 13.82 -12.27 -21.91
CA TYR A 247 14.88 -13.16 -22.31
C TYR A 247 14.76 -14.56 -21.74
N ILE A 248 15.53 -15.45 -22.36
CA ILE A 248 15.67 -16.84 -21.95
C ILE A 248 16.99 -17.12 -21.32
N LEU A 249 16.93 -17.90 -20.23
CA LEU A 249 18.07 -18.49 -19.56
C LEU A 249 17.94 -19.97 -19.72
N CYS A 250 18.95 -20.61 -20.33
CA CYS A 250 18.99 -22.07 -20.38
C CYS A 250 20.36 -22.56 -20.65
N GLU A 251 20.53 -23.87 -20.57
CA GLU A 251 21.77 -24.51 -20.86
C GLU A 251 22.07 -24.37 -22.35
N ALA A 252 23.34 -24.14 -22.70
CA ALA A 252 23.72 -23.83 -24.10
C ALA A 252 23.28 -24.89 -25.09
N SER A 253 23.29 -26.14 -24.65
CA SER A 253 23.01 -27.26 -25.53
C SER A 253 21.55 -27.30 -25.97
N LEU A 254 20.67 -26.49 -25.35
CA LEU A 254 19.27 -26.48 -25.81
C LEU A 254 19.04 -25.49 -26.91
N GLN A 255 20.05 -24.64 -27.15
CA GLN A 255 19.76 -23.48 -27.97
C GLN A 255 19.27 -23.82 -29.38
N ASN A 256 19.98 -24.73 -30.03
CA ASN A 256 19.61 -25.14 -31.41
C ASN A 256 18.17 -25.62 -31.53
N GLN A 257 17.75 -26.49 -30.59
N GLN A 257 17.75 -26.53 -30.64
CA GLN A 257 16.40 -27.03 -30.58
CA GLN A 257 16.36 -26.97 -30.65
C GLN A 257 15.32 -25.98 -30.24
C GLN A 257 15.43 -25.78 -30.45
N ILE A 258 15.65 -25.02 -29.37
CA ILE A 258 14.75 -23.86 -29.06
C ILE A 258 14.54 -23.01 -30.31
N VAL A 259 15.67 -22.73 -30.96
CA VAL A 259 15.61 -21.93 -32.16
C VAL A 259 14.77 -22.60 -33.23
N TRP A 260 15.04 -23.87 -33.51
CA TRP A 260 14.25 -24.62 -34.51
C TRP A 260 12.73 -24.67 -34.15
N LYS A 261 12.41 -24.87 -32.88
CA LYS A 261 10.99 -24.98 -32.48
C LYS A 261 10.29 -23.62 -32.48
N ILE A 262 11.01 -22.57 -32.09
CA ILE A 262 10.40 -21.27 -32.20
C ILE A 262 10.10 -20.97 -33.66
N LYS A 263 11.10 -21.16 -34.53
CA LYS A 263 10.88 -20.94 -35.96
C LYS A 263 9.61 -21.73 -36.49
N GLU A 264 9.48 -23.03 -36.23
CA GLU A 264 8.31 -23.80 -36.71
C GLU A 264 7.03 -23.26 -36.09
N THR A 265 7.06 -22.81 -34.83
CA THR A 265 5.85 -22.21 -34.26
C THR A 265 5.44 -20.91 -34.89
N VAL A 266 6.43 -20.06 -35.16
CA VAL A 266 6.20 -18.77 -35.83
C VAL A 266 5.53 -18.99 -37.23
N LYS A 267 5.99 -19.99 -37.95
CA LYS A 267 5.36 -20.36 -39.22
C LYS A 267 3.91 -20.79 -39.02
N GLU A 268 3.64 -21.61 -38.00
CA GLU A 268 2.27 -21.99 -37.71
C GLU A 268 1.45 -20.79 -37.27
N PHE A 269 1.99 -19.89 -36.45
CA PHE A 269 1.15 -18.78 -35.95
C PHE A 269 0.88 -17.74 -37.00
N TYR A 270 1.93 -17.39 -37.75
CA TYR A 270 1.91 -16.19 -38.60
C TYR A 270 2.09 -16.46 -40.06
N GLY A 271 2.38 -17.72 -40.43
CA GLY A 271 2.49 -18.14 -41.87
C GLY A 271 3.91 -17.96 -42.42
N GLU A 272 4.08 -18.28 -43.71
CA GLU A 272 5.38 -18.22 -44.37
C GLU A 272 5.87 -16.79 -44.59
N ASN A 273 4.92 -15.91 -44.90
CA ASN A 273 5.21 -14.52 -45.12
C ASN A 273 4.58 -13.72 -43.96
N ILE A 274 5.39 -13.48 -42.93
CA ILE A 274 4.90 -12.92 -41.69
C ILE A 274 4.43 -11.50 -41.92
N LYS A 275 5.00 -10.76 -42.87
CA LYS A 275 4.53 -9.40 -43.08
C LYS A 275 3.09 -9.34 -43.52
N GLU A 276 2.54 -10.39 -44.10
CA GLU A 276 1.10 -10.42 -44.54
C GLU A 276 0.15 -10.93 -43.42
N SER A 277 0.65 -11.43 -42.31
CA SER A 277 -0.26 -11.98 -41.28
C SER A 277 -1.04 -10.90 -40.58
N PRO A 278 -2.37 -11.01 -40.54
CA PRO A 278 -3.18 -10.10 -39.74
C PRO A 278 -3.06 -10.28 -38.22
N ASP A 279 -2.38 -11.31 -37.75
CA ASP A 279 -2.18 -11.53 -36.30
C ASP A 279 -0.87 -10.95 -35.74
N TYR A 280 -0.01 -10.39 -36.58
CA TYR A 280 1.24 -9.85 -36.11
C TYR A 280 1.18 -8.35 -36.24
N GLU A 281 1.40 -7.65 -35.13
CA GLU A 281 1.22 -6.24 -35.02
C GLU A 281 2.41 -5.41 -35.56
N ARG A 282 2.40 -4.10 -35.30
CA ARG A 282 3.64 -3.29 -35.58
C ARG A 282 4.19 -2.47 -34.40
N ILE A 283 5.46 -2.11 -34.46
CA ILE A 283 6.04 -1.27 -33.42
C ILE A 283 5.28 0.04 -33.36
N ILE A 284 5.09 0.60 -32.16
CA ILE A 284 4.14 1.76 -31.98
C ILE A 284 4.58 3.07 -32.66
N ASN A 285 5.88 3.34 -32.75
CA ASN A 285 6.40 4.52 -33.50
C ASN A 285 7.87 4.40 -33.86
N LEU A 286 8.37 5.44 -34.48
CA LEU A 286 9.67 5.36 -35.15
C LEU A 286 10.80 5.34 -34.09
N ARG A 287 10.58 6.14 -33.08
CA ARG A 287 11.48 6.16 -31.93
C ARG A 287 11.69 4.71 -31.37
N HIS A 288 10.59 4.02 -31.06
CA HIS A 288 10.70 2.61 -30.53
C HIS A 288 11.22 1.65 -31.55
N PHE A 289 10.82 1.90 -32.79
CA PHE A 289 11.34 1.08 -33.85
C PHE A 289 12.87 1.15 -33.97
N LYS A 290 13.38 2.37 -33.98
CA LYS A 290 14.89 2.56 -34.02
C LYS A 290 15.59 2.03 -32.75
N ARG A 291 14.90 2.24 -31.61
CA ARG A 291 15.42 1.71 -30.28
C ARG A 291 15.57 0.24 -30.38
N ILE A 292 14.54 -0.42 -30.88
CA ILE A 292 14.67 -1.88 -31.02
C ILE A 292 15.78 -2.31 -32.02
N LEU A 293 15.81 -1.70 -33.20
CA LEU A 293 16.88 -1.97 -34.18
C LEU A 293 18.25 -1.87 -33.60
N SER A 294 18.51 -0.88 -32.77
CA SER A 294 19.85 -0.73 -32.18
C SER A 294 20.23 -1.94 -31.34
N LEU A 295 19.25 -2.67 -30.83
CA LEU A 295 19.55 -3.85 -30.00
C LEU A 295 20.05 -5.00 -30.78
N LEU A 296 19.87 -4.99 -32.10
CA LEU A 296 20.38 -6.04 -32.98
C LEU A 296 21.86 -5.89 -33.37
N GLU A 297 22.36 -4.65 -33.40
CA GLU A 297 23.80 -4.43 -33.71
C GLU A 297 24.71 -5.32 -32.89
N GLY A 298 25.57 -6.06 -33.55
CA GLY A 298 26.56 -6.84 -32.85
C GLY A 298 26.08 -8.24 -32.53
N GLN A 299 24.83 -8.55 -32.82
CA GLN A 299 24.31 -9.83 -32.35
C GLN A 299 24.26 -10.91 -33.43
N LYS A 300 24.33 -12.17 -33.02
CA LYS A 300 24.14 -13.32 -33.89
C LYS A 300 22.69 -13.64 -33.97
N ILE A 301 22.10 -13.31 -35.12
CA ILE A 301 20.71 -13.59 -35.39
C ILE A 301 20.53 -15.06 -35.79
N ALA A 302 19.99 -15.88 -34.90
CA ALA A 302 19.76 -17.28 -35.15
C ALA A 302 18.56 -17.45 -36.09
N PHE A 303 17.63 -16.51 -35.98
CA PHE A 303 16.40 -16.56 -36.71
C PHE A 303 15.83 -15.14 -36.76
N GLY A 304 15.19 -14.78 -37.87
CA GLY A 304 14.51 -13.50 -38.05
C GLY A 304 15.45 -12.35 -38.41
N GLY A 305 15.18 -11.16 -37.85
CA GLY A 305 15.97 -9.98 -38.06
C GLY A 305 15.49 -9.03 -39.17
N GLU A 306 14.60 -9.48 -40.06
CA GLU A 306 14.09 -8.60 -41.14
C GLU A 306 13.36 -7.40 -40.55
N THR A 307 13.65 -6.22 -41.05
CA THR A 307 12.95 -5.01 -40.62
C THR A 307 12.44 -4.17 -41.78
N ASP A 308 11.49 -3.29 -41.51
CA ASP A 308 11.03 -2.36 -42.52
C ASP A 308 10.56 -1.11 -41.82
N GLU A 309 11.33 -0.03 -41.99
CA GLU A 309 11.02 1.24 -41.36
C GLU A 309 9.68 1.77 -41.71
N ALA A 310 9.30 1.62 -42.97
CA ALA A 310 8.12 2.38 -43.46
C ALA A 310 6.83 1.89 -42.76
N THR A 311 6.72 0.59 -42.55
CA THR A 311 5.57 0.02 -41.82
C THR A 311 5.87 -0.30 -40.35
N ARG A 312 7.10 -0.08 -39.91
CA ARG A 312 7.54 -0.30 -38.53
C ARG A 312 7.49 -1.78 -38.15
N TYR A 313 7.94 -2.61 -39.08
CA TYR A 313 7.85 -4.00 -38.99
C TYR A 313 9.20 -4.56 -38.57
N ILE A 314 9.20 -5.34 -37.50
CA ILE A 314 10.38 -6.10 -37.13
C ILE A 314 9.89 -7.50 -36.96
N ALA A 315 10.50 -8.40 -37.68
CA ALA A 315 10.12 -9.76 -37.64
C ALA A 315 10.52 -10.43 -36.29
N PRO A 316 9.79 -11.49 -35.94
CA PRO A 316 10.17 -12.30 -34.82
C PRO A 316 11.58 -12.75 -34.97
N THR A 317 12.35 -12.49 -33.90
CA THR A 317 13.77 -12.62 -33.90
C THR A 317 14.27 -13.35 -32.62
N VAL A 318 15.29 -14.18 -32.81
CA VAL A 318 15.93 -14.89 -31.77
C VAL A 318 17.41 -14.76 -31.95
N LEU A 319 18.06 -14.41 -30.83
CA LEU A 319 19.49 -14.31 -30.72
C LEU A 319 20.04 -15.42 -29.80
N THR A 320 21.22 -15.97 -30.17
CA THR A 320 21.84 -17.06 -29.43
C THR A 320 23.10 -16.57 -28.78
N ASP A 321 23.57 -17.32 -27.77
CA ASP A 321 24.85 -17.02 -27.05
C ASP A 321 24.98 -15.50 -26.76
N VAL A 322 23.96 -14.88 -26.22
CA VAL A 322 24.02 -13.47 -25.98
C VAL A 322 24.90 -13.15 -24.75
N ASP A 323 25.71 -12.11 -24.87
CA ASP A 323 26.60 -11.65 -23.81
C ASP A 323 25.74 -10.67 -23.04
N PRO A 324 25.61 -10.90 -21.74
CA PRO A 324 24.64 -10.11 -20.98
C PRO A 324 25.00 -8.67 -20.77
N LYS A 325 26.22 -8.24 -21.11
CA LYS A 325 26.57 -6.82 -21.08
C LYS A 325 26.14 -6.06 -22.30
N THR A 326 25.73 -6.75 -23.34
CA THR A 326 25.38 -6.06 -24.56
C THR A 326 24.04 -5.37 -24.37
N LYS A 327 23.75 -4.42 -25.24
CA LYS A 327 22.61 -3.52 -25.08
C LYS A 327 21.25 -4.23 -24.98
N VAL A 328 21.13 -5.33 -25.71
CA VAL A 328 19.94 -6.15 -25.65
C VAL A 328 19.60 -6.67 -24.26
N MET A 329 20.63 -7.02 -23.49
CA MET A 329 20.45 -7.46 -22.15
C MET A 329 20.54 -6.35 -21.07
N GLN A 330 20.56 -5.08 -21.45
CA GLN A 330 20.71 -4.02 -20.51
C GLN A 330 19.51 -3.11 -20.48
N GLU A 331 18.50 -3.31 -21.30
CA GLU A 331 17.26 -2.55 -21.12
C GLU A 331 16.07 -3.46 -21.43
N GLU A 332 14.88 -3.05 -21.04
CA GLU A 332 13.67 -3.73 -21.40
C GLU A 332 13.51 -3.77 -22.94
N ILE A 333 13.47 -4.96 -23.54
CA ILE A 333 13.38 -5.06 -24.98
C ILE A 333 12.06 -4.40 -25.48
N PHE A 334 10.93 -4.81 -24.91
CA PHE A 334 9.62 -4.34 -25.40
C PHE A 334 9.44 -4.36 -26.99
N GLY A 335 9.73 -5.50 -27.53
CA GLY A 335 9.93 -5.73 -28.94
C GLY A 335 10.15 -7.21 -29.23
N PRO A 336 10.16 -7.58 -30.50
CA PRO A 336 10.08 -8.97 -30.85
C PRO A 336 11.43 -9.60 -30.98
N ILE A 337 12.33 -9.26 -30.06
CA ILE A 337 13.61 -9.91 -30.00
C ILE A 337 13.69 -10.75 -28.75
N LEU A 338 14.04 -12.00 -28.93
CA LEU A 338 14.28 -12.91 -27.81
C LEU A 338 15.72 -13.38 -27.67
N PRO A 339 16.44 -12.80 -26.71
CA PRO A 339 17.79 -13.28 -26.45
C PRO A 339 17.86 -14.49 -25.61
N ILE A 340 18.86 -15.30 -25.89
CA ILE A 340 19.13 -16.47 -25.13
C ILE A 340 20.49 -16.33 -24.48
N VAL A 341 20.48 -16.38 -23.17
CA VAL A 341 21.69 -16.28 -22.36
C VAL A 341 21.95 -17.60 -21.74
N PRO A 342 23.03 -18.29 -22.17
CA PRO A 342 23.30 -19.62 -21.61
C PRO A 342 23.74 -19.60 -20.15
N VAL A 343 23.22 -20.55 -19.36
CA VAL A 343 23.63 -20.69 -17.97
C VAL A 343 23.83 -22.20 -17.80
N LYS A 344 24.82 -22.56 -17.03
CA LYS A 344 25.12 -23.97 -16.84
C LYS A 344 24.00 -24.71 -16.05
N ASN A 345 23.29 -24.03 -15.15
CA ASN A 345 22.40 -24.73 -14.23
C ASN A 345 21.49 -23.73 -13.53
N VAL A 346 20.60 -24.23 -12.67
CA VAL A 346 19.61 -23.40 -12.05
C VAL A 346 20.22 -22.41 -11.07
N ASP A 347 21.28 -22.80 -10.41
CA ASP A 347 21.97 -21.86 -9.50
C ASP A 347 22.50 -20.66 -10.24
N GLU A 348 22.97 -20.87 -11.47
CA GLU A 348 23.55 -19.74 -12.24
C GLU A 348 22.39 -18.88 -12.67
N ALA A 349 21.24 -19.48 -12.97
CA ALA A 349 20.05 -18.69 -13.36
C ALA A 349 19.52 -17.85 -12.20
N ILE A 350 19.47 -18.46 -11.04
CA ILE A 350 19.06 -17.73 -9.80
C ILE A 350 19.97 -16.56 -9.45
N ASN A 351 21.27 -16.78 -9.42
CA ASN A 351 22.25 -15.69 -9.29
C ASN A 351 22.12 -14.60 -10.33
N PHE A 352 21.92 -15.00 -11.58
CA PHE A 352 21.76 -14.02 -12.68
C PHE A 352 20.56 -13.11 -12.41
N ILE A 353 19.44 -13.72 -12.06
N ILE A 353 19.43 -13.71 -12.08
CA ILE A 353 18.22 -12.96 -11.73
CA ILE A 353 18.23 -12.93 -11.83
C ILE A 353 18.43 -12.05 -10.55
C ILE A 353 18.38 -12.07 -10.55
N ASN A 354 19.03 -12.60 -9.51
CA ASN A 354 19.20 -11.90 -8.24
C ASN A 354 20.17 -10.77 -8.30
N GLU A 355 21.06 -10.78 -9.28
CA GLU A 355 21.91 -9.63 -9.41
C GLU A 355 21.24 -8.47 -10.17
N ARG A 356 20.02 -8.66 -10.63
CA ARG A 356 19.35 -7.67 -11.46
C ARG A 356 18.16 -7.15 -10.65
N GLU A 357 17.49 -6.14 -11.20
CA GLU A 357 16.30 -5.54 -10.62
C GLU A 357 15.09 -6.56 -10.69
N LYS A 358 14.21 -6.46 -9.72
CA LYS A 358 13.16 -7.46 -9.52
C LYS A 358 12.19 -7.26 -10.62
N PRO A 359 11.91 -8.31 -11.38
CA PRO A 359 11.06 -8.10 -12.55
C PRO A 359 9.57 -8.26 -12.19
N LEU A 360 8.73 -7.84 -13.09
CA LEU A 360 7.31 -7.88 -12.94
C LEU A 360 6.79 -9.32 -13.02
N ALA A 361 7.40 -10.12 -13.90
CA ALA A 361 7.09 -11.52 -13.97
C ALA A 361 8.32 -12.35 -14.05
N LEU A 362 8.18 -13.60 -13.64
CA LEU A 362 9.22 -14.60 -13.79
C LEU A 362 8.50 -15.90 -14.28
N TYR A 363 9.15 -16.59 -15.19
CA TYR A 363 8.60 -17.75 -15.89
C TYR A 363 9.62 -18.88 -15.76
N VAL A 364 9.16 -20.06 -15.39
CA VAL A 364 10.04 -21.21 -15.18
C VAL A 364 9.38 -22.39 -15.83
N PHE A 365 10.09 -23.04 -16.75
CA PHE A 365 9.66 -24.27 -17.46
C PHE A 365 10.45 -25.48 -16.98
N SER A 366 9.75 -26.47 -16.41
CA SER A 366 10.41 -27.70 -15.96
C SER A 366 9.38 -28.75 -15.55
N HIS A 367 9.68 -30.04 -15.78
CA HIS A 367 8.81 -31.14 -15.30
C HIS A 367 8.99 -31.30 -13.80
N ASN A 368 10.03 -30.70 -13.24
CA ASN A 368 10.50 -30.95 -11.90
C ASN A 368 9.99 -29.83 -11.06
N HIS A 369 8.99 -30.15 -10.28
CA HIS A 369 8.30 -29.21 -9.41
C HIS A 369 9.19 -28.66 -8.32
N LYS A 370 10.09 -29.46 -7.78
CA LYS A 370 11.02 -28.98 -6.74
C LYS A 370 11.86 -27.80 -7.20
N LEU A 371 12.30 -27.87 -8.45
CA LEU A 371 13.21 -26.87 -9.02
C LEU A 371 12.38 -25.58 -9.21
N ILE A 372 11.15 -25.71 -9.69
CA ILE A 372 10.30 -24.56 -9.87
C ILE A 372 10.07 -23.90 -8.51
N LYS A 373 9.82 -24.67 -7.48
CA LYS A 373 9.55 -24.10 -6.17
C LYS A 373 10.78 -23.51 -5.57
N ARG A 374 11.92 -24.09 -5.90
CA ARG A 374 13.20 -23.56 -5.50
C ARG A 374 13.48 -22.20 -6.15
N MET A 375 13.16 -22.04 -7.44
CA MET A 375 13.46 -20.80 -8.13
C MET A 375 12.56 -19.68 -7.61
N ILE A 376 11.33 -20.04 -7.27
CA ILE A 376 10.41 -19.14 -6.66
C ILE A 376 10.95 -18.62 -5.30
N ASP A 377 11.28 -19.54 -4.39
CA ASP A 377 11.73 -19.17 -3.03
C ASP A 377 13.02 -18.38 -2.97
N GLU A 378 13.88 -18.51 -4.00
CA GLU A 378 15.16 -17.86 -4.00
C GLU A 378 15.20 -16.61 -4.86
N THR A 379 14.10 -16.29 -5.48
CA THR A 379 14.01 -15.03 -6.23
C THR A 379 12.85 -14.18 -5.77
N SER A 380 12.73 -12.99 -6.34
CA SER A 380 11.55 -12.19 -6.10
C SER A 380 11.05 -11.56 -7.41
N SER A 381 9.75 -11.41 -7.54
CA SER A 381 9.21 -10.87 -8.75
C SER A 381 7.77 -10.48 -8.42
N GLY A 382 7.15 -9.74 -9.32
CA GLY A 382 5.79 -9.32 -9.11
C GLY A 382 4.80 -10.48 -9.10
N GLY A 383 5.03 -11.39 -10.02
CA GLY A 383 4.22 -12.61 -10.22
C GLY A 383 5.02 -13.66 -10.91
N VAL A 384 4.52 -14.88 -10.84
CA VAL A 384 5.18 -16.08 -11.41
C VAL A 384 4.17 -16.98 -12.16
N THR A 385 4.58 -17.50 -13.35
CA THR A 385 3.85 -18.58 -13.98
C THR A 385 4.89 -19.65 -14.20
N GLY A 386 4.57 -20.89 -13.77
CA GLY A 386 5.38 -22.04 -14.03
C GLY A 386 4.77 -22.78 -15.22
N ASN A 387 5.62 -23.18 -16.15
CA ASN A 387 5.21 -23.91 -17.35
C ASN A 387 4.26 -23.24 -18.32
N ASP A 388 4.15 -21.94 -18.21
CA ASP A 388 3.45 -21.16 -19.22
C ASP A 388 3.94 -19.73 -19.05
N VAL A 389 3.44 -18.81 -19.87
CA VAL A 389 3.73 -17.41 -19.79
C VAL A 389 2.40 -16.64 -19.75
N ILE A 390 2.42 -15.42 -19.16
CA ILE A 390 1.29 -14.41 -19.21
C ILE A 390 0.10 -14.77 -18.33
N MET A 391 -0.16 -16.07 -18.14
CA MET A 391 -1.49 -16.50 -17.71
C MET A 391 -1.86 -16.05 -16.33
N HIS A 392 -0.88 -15.81 -15.48
CA HIS A 392 -1.21 -15.32 -14.17
C HIS A 392 -1.91 -13.99 -14.15
N PHE A 393 -1.81 -13.26 -15.26
CA PHE A 393 -2.45 -11.97 -15.41
C PHE A 393 -3.95 -12.18 -15.29
N THR A 394 -4.40 -13.33 -15.72
CA THR A 394 -5.85 -13.49 -15.96
C THR A 394 -6.67 -13.95 -14.78
N LEU A 395 -6.05 -14.27 -13.64
CA LEU A 395 -6.92 -14.63 -12.51
C LEU A 395 -7.29 -13.41 -11.73
N ASN A 396 -8.60 -13.17 -11.54
CA ASN A 396 -9.16 -12.04 -10.77
C ASN A 396 -8.77 -12.09 -9.31
N SER A 397 -8.53 -13.32 -8.84
CA SER A 397 -8.07 -13.67 -7.50
C SER A 397 -6.65 -13.10 -7.15
N PHE A 398 -5.81 -12.95 -8.15
CA PHE A 398 -4.44 -12.56 -7.97
C PHE A 398 -4.33 -10.99 -7.93
N PRO A 399 -3.58 -10.45 -6.95
CA PRO A 399 -3.13 -9.06 -7.10
C PRO A 399 -2.11 -8.98 -8.28
N PHE A 400 -2.19 -7.97 -9.13
CA PHE A 400 -1.33 -7.89 -10.26
C PHE A 400 -0.55 -6.58 -10.06
N GLY A 401 0.77 -6.72 -10.07
CA GLY A 401 1.65 -5.63 -9.68
C GLY A 401 3.06 -6.05 -9.53
N GLY A 402 3.93 -5.05 -9.45
CA GLY A 402 5.38 -5.33 -9.35
C GLY A 402 5.85 -5.29 -7.92
N VAL A 403 7.17 -5.35 -7.80
CA VAL A 403 7.86 -5.23 -6.56
C VAL A 403 9.27 -4.63 -6.86
N GLY A 404 9.81 -3.82 -5.94
CA GLY A 404 11.08 -3.03 -6.17
C GLY A 404 10.92 -2.24 -7.44
N SER A 405 11.82 -2.38 -8.39
CA SER A 405 11.78 -1.51 -9.60
C SER A 405 10.67 -1.81 -10.57
N SER A 406 10.01 -2.97 -10.48
CA SER A 406 8.86 -3.24 -11.32
C SER A 406 7.54 -2.65 -10.74
N GLY A 407 7.64 -2.02 -9.57
CA GLY A 407 6.49 -1.28 -9.03
C GLY A 407 6.10 -1.47 -7.56
N MET A 408 4.99 -0.87 -7.23
CA MET A 408 4.43 -0.97 -5.89
C MET A 408 2.97 -0.90 -6.04
N GLY A 409 2.26 -1.59 -5.16
CA GLY A 409 0.81 -1.67 -5.24
C GLY A 409 0.38 -2.71 -6.26
N ALA A 410 -0.92 -2.93 -6.27
CA ALA A 410 -1.50 -3.97 -7.08
C ALA A 410 -2.94 -3.69 -7.39
N TYR A 411 -3.42 -4.27 -8.47
CA TYR A 411 -4.83 -4.19 -8.78
C TYR A 411 -5.32 -5.49 -9.43
N HIS A 412 -6.52 -5.40 -9.98
CA HIS A 412 -7.37 -6.50 -10.53
C HIS A 412 -8.39 -6.95 -9.49
N GLY A 413 -9.64 -7.03 -9.92
CA GLY A 413 -10.74 -7.40 -9.08
C GLY A 413 -10.80 -6.68 -7.74
N LYS A 414 -10.85 -7.46 -6.67
CA LYS A 414 -10.99 -6.91 -5.31
C LYS A 414 -9.73 -6.11 -4.93
N HIS A 415 -8.60 -6.44 -5.51
CA HIS A 415 -7.40 -5.68 -5.22
C HIS A 415 -7.53 -4.23 -5.80
N SER A 416 -8.25 -4.03 -6.90
CA SER A 416 -8.46 -2.65 -7.44
C SER A 416 -9.33 -1.92 -6.44
N PHE A 417 -10.42 -2.59 -5.97
CA PHE A 417 -11.35 -1.97 -5.02
C PHE A 417 -10.60 -1.50 -3.81
N ASP A 418 -9.73 -2.34 -3.30
CA ASP A 418 -8.91 -2.02 -2.11
C ASP A 418 -7.88 -0.95 -2.34
N THR A 419 -7.22 -1.01 -3.47
CA THR A 419 -6.27 0.00 -3.81
C THR A 419 -6.95 1.36 -3.91
N PHE A 420 -8.21 1.43 -4.34
CA PHE A 420 -8.84 2.77 -4.54
C PHE A 420 -9.79 3.10 -3.35
N SER A 421 -9.67 2.34 -2.23
CA SER A 421 -10.46 2.62 -1.02
C SER A 421 -9.56 2.84 0.18
N HIS A 422 -10.08 3.49 1.19
CA HIS A 422 -9.51 3.44 2.52
C HIS A 422 -10.36 2.47 3.38
N GLN A 423 -9.74 1.49 3.98
CA GLN A 423 -10.44 0.55 4.86
C GLN A 423 -10.49 1.12 6.25
N ARG A 424 -11.65 1.59 6.69
CA ARG A 424 -11.68 2.41 7.88
C ARG A 424 -12.17 1.59 9.09
N PRO A 425 -11.35 1.48 10.12
CA PRO A 425 -11.78 0.67 11.31
C PRO A 425 -12.58 1.52 12.26
N CYS A 426 -13.69 0.95 12.75
CA CYS A 426 -14.64 1.60 13.62
C CYS A 426 -14.90 0.71 14.79
N LEU A 427 -14.73 1.29 15.99
CA LEU A 427 -15.02 0.61 17.22
C LEU A 427 -16.08 1.42 17.90
N LEU A 428 -17.23 0.81 18.06
CA LEU A 428 -18.37 1.47 18.69
C LEU A 428 -18.68 0.90 20.03
N LYS A 429 -18.49 1.70 21.06
CA LYS A 429 -18.80 1.32 22.47
C LYS A 429 -20.10 1.92 22.96
N SER A 430 -20.65 1.35 24.03
CA SER A 430 -21.69 1.94 24.82
C SER A 430 -21.05 2.74 25.98
N LEU A 431 -21.87 3.51 26.70
CA LEU A 431 -21.46 4.18 27.87
C LEU A 431 -21.51 3.34 29.15
N LYS A 432 -21.78 2.05 29.03
CA LYS A 432 -21.85 1.16 30.21
C LYS A 432 -20.49 0.80 30.75
N ARG A 433 -20.49 0.13 31.90
CA ARG A 433 -19.29 -0.42 32.53
C ARG A 433 -18.20 0.63 32.87
N GLU A 434 -18.59 1.84 33.18
CA GLU A 434 -17.58 2.84 33.44
C GLU A 434 -16.70 2.52 34.67
N GLY A 435 -17.24 1.85 35.67
CA GLY A 435 -16.44 1.48 36.83
C GLY A 435 -15.21 0.67 36.49
N ALA A 436 -15.39 -0.30 35.56
CA ALA A 436 -14.31 -1.19 35.05
C ALA A 436 -13.12 -0.42 34.47
N ASN A 437 -13.35 0.74 33.88
CA ASN A 437 -12.23 1.47 33.30
C ASN A 437 -11.20 2.04 34.31
N LYS A 438 -11.49 1.97 35.63
CA LYS A 438 -10.51 2.37 36.63
C LYS A 438 -9.15 1.70 36.45
N LEU A 439 -9.21 0.45 36.00
CA LEU A 439 -8.04 -0.29 35.57
C LEU A 439 -7.08 0.52 34.68
N ARG A 440 -7.59 1.28 33.74
CA ARG A 440 -6.76 2.05 32.86
C ARG A 440 -6.56 3.51 33.26
N TYR A 441 -7.32 4.03 34.22
CA TYR A 441 -7.25 5.45 34.53
C TYR A 441 -6.20 5.66 35.60
N PRO A 442 -5.56 6.83 35.58
CA PRO A 442 -4.79 7.28 36.76
C PRO A 442 -5.71 7.52 37.99
N PRO A 443 -5.17 7.47 39.17
CA PRO A 443 -3.74 7.21 39.40
C PRO A 443 -3.33 5.77 39.21
N ASN A 444 -2.14 5.57 38.64
CA ASN A 444 -1.62 4.25 38.48
C ASN A 444 -1.02 3.74 39.78
N SER A 445 -0.73 2.44 39.83
CA SER A 445 -0.33 1.83 41.08
C SER A 445 0.27 0.48 40.77
N GLN A 446 0.98 -0.06 41.75
CA GLN A 446 1.53 -1.39 41.61
C GLN A 446 0.46 -2.45 41.44
N SER A 447 -0.64 -2.31 42.15
CA SER A 447 -1.77 -3.15 42.02
C SER A 447 -2.38 -3.15 40.64
N LYS A 448 -2.58 -1.99 40.02
CA LYS A 448 -3.08 -1.95 38.65
C LYS A 448 -2.06 -2.56 37.64
N VAL A 449 -0.77 -2.32 37.83
CA VAL A 449 0.21 -2.86 36.93
C VAL A 449 0.26 -4.37 37.05
N ASP A 450 0.16 -4.87 38.28
CA ASP A 450 0.19 -6.30 38.48
C ASP A 450 -1.05 -6.97 37.96
N TRP A 451 -2.19 -6.29 38.11
CA TRP A 451 -3.41 -6.86 37.51
C TRP A 451 -3.32 -6.88 35.92
N GLY A 452 -2.69 -5.87 35.35
CA GLY A 452 -2.49 -5.87 33.95
C GLY A 452 -1.60 -7.07 33.52
N LYS A 453 -0.49 -7.33 34.21
CA LYS A 453 0.31 -8.47 33.87
C LYS A 453 -0.47 -9.82 34.03
N PHE A 454 -1.21 -9.94 35.10
CA PHE A 454 -2.02 -11.13 35.36
C PHE A 454 -3.11 -11.35 34.26
N PHE A 455 -3.93 -10.33 34.05
CA PHE A 455 -5.11 -10.45 33.22
C PHE A 455 -4.83 -10.19 31.76
N LEU A 456 -4.20 -9.04 31.43
CA LEU A 456 -3.99 -8.68 30.06
C LEU A 456 -2.90 -9.50 29.37
N LEU A 457 -1.80 -9.76 30.07
CA LEU A 457 -0.74 -10.64 29.48
C LEU A 457 -0.97 -12.08 29.84
N LYS A 458 -1.97 -12.38 30.66
CA LYS A 458 -2.29 -13.80 30.96
C LYS A 458 -1.19 -14.57 31.65
N ARG A 459 -0.57 -13.92 32.62
CA ARG A 459 0.45 -14.58 33.43
C ARG A 459 -0.06 -15.01 34.80
N PHE A 460 -0.57 -16.23 34.94
CA PHE A 460 -1.07 -16.71 36.25
C PHE A 460 -0.40 -17.98 36.90
N ASN A 461 0.73 -17.93 37.63
CA ASN A 461 1.46 -16.74 38.04
C ASN A 461 2.97 -17.00 38.01
N ALA B 1 29.83 6.02 5.56
CA ALA B 1 29.43 5.46 6.91
C ALA B 1 27.95 4.94 6.99
N MET B 2 26.96 5.74 6.57
CA MET B 2 25.61 5.26 6.50
C MET B 2 25.59 4.21 5.42
N GLU B 3 26.28 4.46 4.33
CA GLU B 3 26.37 3.47 3.27
C GLU B 3 26.93 2.10 3.68
N LEU B 4 27.94 2.09 4.54
CA LEU B 4 28.52 0.83 5.03
C LEU B 4 27.49 0.06 5.89
N GLU B 5 26.68 0.79 6.68
CA GLU B 5 25.79 0.12 7.64
C GLU B 5 24.71 -0.51 6.81
N VAL B 6 24.30 0.15 5.76
CA VAL B 6 23.27 -0.44 4.93
C VAL B 6 23.75 -1.67 4.19
N ARG B 7 24.97 -1.61 3.74
CA ARG B 7 25.57 -2.74 3.03
C ARG B 7 25.73 -3.91 3.90
N ARG B 8 26.15 -3.69 5.13
CA ARG B 8 26.21 -4.78 6.12
C ARG B 8 24.83 -5.52 6.35
N VAL B 9 23.77 -4.74 6.57
CA VAL B 9 22.47 -5.27 6.82
C VAL B 9 21.89 -5.97 5.51
N ARG B 10 22.12 -5.36 4.35
CA ARG B 10 21.77 -5.98 3.07
C ARG B 10 22.47 -7.29 2.85
N GLN B 11 23.74 -7.35 3.16
CA GLN B 11 24.46 -8.59 3.00
C GLN B 11 23.83 -9.67 3.92
N ALA B 12 23.49 -9.28 5.16
CA ALA B 12 22.92 -10.23 6.12
C ALA B 12 21.59 -10.73 5.55
N PHE B 13 20.78 -9.86 4.99
CA PHE B 13 19.52 -10.31 4.40
C PHE B 13 19.78 -11.28 3.23
N LEU B 14 20.71 -10.89 2.36
CA LEU B 14 21.03 -11.72 1.21
C LEU B 14 21.61 -13.09 1.58
N SER B 15 22.09 -13.28 2.78
CA SER B 15 22.51 -14.62 3.18
C SER B 15 21.35 -15.60 3.23
N GLY B 16 20.09 -15.15 3.37
CA GLY B 16 18.99 -16.08 3.46
C GLY B 16 18.65 -16.48 4.90
N ARG B 17 19.46 -16.10 5.90
CA ARG B 17 19.26 -16.72 7.17
C ARG B 17 17.96 -16.27 7.91
N SER B 18 17.38 -15.13 7.54
CA SER B 18 16.09 -14.72 8.13
C SER B 18 14.87 -15.27 7.38
N ARG B 19 15.09 -16.05 6.34
CA ARG B 19 13.95 -16.58 5.61
C ARG B 19 13.15 -17.65 6.33
N PRO B 20 13.83 -18.62 6.97
CA PRO B 20 13.07 -19.67 7.65
C PRO B 20 12.24 -19.16 8.84
N LEU B 21 11.04 -19.74 8.97
CA LEU B 21 10.16 -19.45 10.06
C LEU B 21 10.81 -19.58 11.42
N ARG B 22 11.54 -20.67 11.65
CA ARG B 22 12.11 -20.96 12.95
C ARG B 22 13.10 -19.84 13.39
N PHE B 23 13.90 -19.32 12.48
CA PHE B 23 14.80 -18.19 12.81
C PHE B 23 13.99 -16.98 13.25
N ARG B 24 12.94 -16.63 12.49
CA ARG B 24 12.14 -15.49 12.80
C ARG B 24 11.52 -15.66 14.22
N LEU B 25 11.03 -16.87 14.52
CA LEU B 25 10.42 -17.17 15.82
C LEU B 25 11.45 -17.03 16.94
N GLN B 26 12.66 -17.46 16.68
CA GLN B 26 13.75 -17.28 17.62
C GLN B 26 14.07 -15.83 17.86
N GLN B 27 14.04 -14.99 16.80
CA GLN B 27 14.34 -13.59 17.04
C GLN B 27 13.22 -12.90 17.85
N LEU B 28 11.96 -13.28 17.63
CA LEU B 28 10.88 -12.72 18.43
C LEU B 28 10.97 -13.20 19.82
N GLU B 29 11.32 -14.47 20.03
CA GLU B 29 11.50 -14.94 21.45
C GLU B 29 12.61 -14.19 22.09
N ALA B 30 13.65 -13.91 21.32
CA ALA B 30 14.78 -13.14 21.91
C ALA B 30 14.39 -11.71 22.31
N LEU B 31 13.59 -11.09 21.48
CA LEU B 31 13.07 -9.76 21.80
C LEU B 31 12.22 -9.79 23.04
N ARG B 32 11.42 -10.82 23.18
CA ARG B 32 10.62 -10.96 24.38
C ARG B 32 11.53 -11.04 25.60
N ARG B 33 12.55 -11.88 25.50
CA ARG B 33 13.50 -12.03 26.58
C ARG B 33 14.16 -10.72 26.98
N MET B 34 14.49 -9.95 25.96
CA MET B 34 15.10 -8.66 26.18
C MET B 34 14.21 -7.76 27.07
N VAL B 35 12.95 -7.70 26.70
CA VAL B 35 11.99 -6.85 27.36
C VAL B 35 11.70 -7.38 28.81
N GLN B 36 11.70 -8.68 29.00
CA GLN B 36 11.57 -9.28 30.31
C GLN B 36 12.77 -9.08 31.21
N GLU B 37 13.96 -9.41 30.72
CA GLU B 37 15.17 -9.45 31.54
C GLU B 37 15.67 -8.06 31.79
N ARG B 38 15.45 -7.18 30.84
CA ARG B 38 15.92 -5.83 30.98
C ARG B 38 14.84 -4.83 31.19
N GLU B 39 13.72 -5.27 31.71
CA GLU B 39 12.56 -4.37 31.94
C GLU B 39 12.94 -3.11 32.75
N LYS B 40 13.72 -3.25 33.81
CA LYS B 40 13.99 -2.13 34.68
C LYS B 40 14.73 -0.97 33.94
N ASP B 41 15.73 -1.34 33.13
CA ASP B 41 16.45 -0.41 32.26
C ASP B 41 15.60 0.29 31.24
N ILE B 42 14.75 -0.49 30.56
CA ILE B 42 13.85 0.06 29.63
C ILE B 42 12.92 1.03 30.30
N LEU B 43 12.36 0.65 31.45
CA LEU B 43 11.37 1.53 32.07
C LEU B 43 12.07 2.81 32.50
N THR B 44 13.25 2.68 33.05
CA THR B 44 14.00 3.83 33.55
C THR B 44 14.28 4.80 32.39
N ALA B 45 14.73 4.32 31.23
CA ALA B 45 15.06 5.22 30.08
C ALA B 45 13.82 5.98 29.54
N ILE B 46 12.70 5.28 29.37
CA ILE B 46 11.52 5.96 28.81
C ILE B 46 10.96 6.98 29.83
N ALA B 47 10.94 6.54 31.11
CA ALA B 47 10.49 7.40 32.20
C ALA B 47 11.25 8.72 32.25
N ALA B 48 12.56 8.65 32.13
CA ALA B 48 13.40 9.85 32.10
C ALA B 48 13.14 10.69 30.83
N ASP B 49 12.88 10.08 29.70
CA ASP B 49 12.65 10.84 28.49
C ASP B 49 11.39 11.59 28.52
N LEU B 50 10.35 11.02 29.11
CA LEU B 50 9.06 11.76 29.17
C LEU B 50 8.64 12.27 30.52
N CYS B 51 9.50 12.12 31.54
CA CYS B 51 9.13 12.37 32.96
C CYS B 51 7.85 11.62 33.33
N LYS B 52 7.87 10.32 33.14
CA LYS B 52 6.62 9.52 33.24
C LYS B 52 6.96 8.53 34.31
N SER B 53 5.99 8.13 35.08
CA SER B 53 6.21 7.04 36.06
C SER B 53 6.47 5.71 35.32
N GLU B 54 7.23 4.87 35.96
CA GLU B 54 7.48 3.50 35.52
C GLU B 54 6.20 2.63 35.44
N PHE B 55 5.21 2.88 36.30
CA PHE B 55 3.94 2.25 36.19
C PHE B 55 3.30 2.56 34.82
N ASN B 56 3.28 3.84 34.47
CA ASN B 56 2.64 4.25 33.26
C ASN B 56 3.42 3.78 31.98
N VAL B 57 4.75 3.78 32.06
CA VAL B 57 5.54 3.30 30.99
C VAL B 57 5.12 1.81 30.85
N TYR B 58 5.11 1.05 31.94
CA TYR B 58 4.81 -0.37 31.83
C TYR B 58 3.45 -0.66 31.15
N SER B 59 2.43 -0.02 31.65
CA SER B 59 1.05 -0.21 31.20
C SER B 59 0.81 0.30 29.83
N GLN B 60 1.51 1.34 29.39
CA GLN B 60 1.24 1.91 28.05
C GLN B 60 2.14 1.30 26.99
N GLU B 61 3.41 1.15 27.30
CA GLU B 61 4.37 0.75 26.28
C GLU B 61 4.74 -0.68 26.34
N VAL B 62 4.99 -1.17 27.54
CA VAL B 62 5.54 -2.50 27.63
C VAL B 62 4.50 -3.56 27.40
N ILE B 63 3.34 -3.33 27.97
CA ILE B 63 2.26 -4.26 27.81
C ILE B 63 1.83 -4.35 26.34
N THR B 64 1.85 -3.22 25.66
CA THR B 64 1.50 -3.21 24.21
C THR B 64 2.56 -4.02 23.41
N VAL B 65 3.83 -3.72 23.65
CA VAL B 65 4.88 -4.47 22.97
C VAL B 65 4.82 -5.99 23.27
N LEU B 66 4.77 -6.36 24.57
CA LEU B 66 4.62 -7.78 24.93
C LEU B 66 3.44 -8.46 24.28
N GLY B 67 2.31 -7.76 24.21
CA GLY B 67 1.06 -8.34 23.52
C GLY B 67 1.29 -8.55 22.03
N GLU B 68 1.99 -7.63 21.37
CA GLU B 68 2.22 -7.76 19.96
C GLU B 68 3.19 -8.94 19.70
N ILE B 69 4.22 -9.16 20.52
CA ILE B 69 5.11 -10.29 20.35
C ILE B 69 4.38 -11.62 20.49
N ASP B 70 3.53 -11.75 21.49
CA ASP B 70 2.78 -12.98 21.64
C ASP B 70 1.83 -13.22 20.45
N PHE B 71 1.19 -12.17 20.00
CA PHE B 71 0.29 -12.34 18.90
C PHE B 71 1.10 -12.78 17.66
N MET B 72 2.29 -12.28 17.45
CA MET B 72 3.01 -12.68 16.23
C MET B 72 3.52 -14.07 16.43
N LEU B 73 4.00 -14.34 17.61
CA LEU B 73 4.55 -15.71 17.83
C LEU B 73 3.44 -16.73 17.60
N GLU B 74 2.21 -16.39 17.95
CA GLU B 74 1.13 -17.40 17.79
C GLU B 74 0.64 -17.57 16.34
N ASN B 75 0.57 -16.48 15.57
CA ASN B 75 -0.01 -16.53 14.24
C ASN B 75 0.98 -16.62 13.11
N LEU B 76 2.24 -16.30 13.34
CA LEU B 76 3.21 -16.29 12.21
C LEU B 76 3.32 -17.63 11.44
N PRO B 77 3.29 -18.79 12.14
CA PRO B 77 3.32 -20.01 11.34
C PRO B 77 2.20 -20.09 10.29
N GLU B 78 1.03 -19.55 10.60
CA GLU B 78 -0.01 -19.56 9.60
C GLU B 78 0.22 -18.49 8.54
N TRP B 79 0.68 -17.33 8.96
CA TRP B 79 0.87 -16.24 8.02
C TRP B 79 1.89 -16.53 6.91
N VAL B 80 2.95 -17.29 7.18
CA VAL B 80 3.99 -17.50 6.11
C VAL B 80 3.57 -18.56 5.06
N THR B 81 2.53 -19.32 5.31
CA THR B 81 2.25 -20.41 4.41
C THR B 81 1.53 -19.84 3.15
N ALA B 82 1.74 -20.49 2.01
CA ALA B 82 1.07 -20.16 0.74
C ALA B 82 -0.42 -20.39 0.87
N LYS B 83 -1.21 -19.52 0.26
CA LYS B 83 -2.67 -19.54 0.34
C LYS B 83 -3.20 -19.78 -1.09
N PRO B 84 -3.83 -20.90 -1.33
CA PRO B 84 -4.62 -21.20 -2.55
C PRO B 84 -5.63 -20.12 -2.84
N VAL B 85 -5.84 -19.81 -4.12
CA VAL B 85 -6.91 -18.86 -4.46
C VAL B 85 -7.85 -19.56 -5.44
N LYS B 86 -8.99 -18.94 -5.61
CA LYS B 86 -10.02 -19.36 -6.53
C LYS B 86 -9.51 -19.16 -7.94
N LYS B 87 -9.73 -20.13 -8.78
CA LYS B 87 -9.13 -20.12 -10.11
C LYS B 87 -10.26 -19.73 -11.01
N ASN B 88 -10.03 -19.62 -12.30
CA ASN B 88 -11.09 -19.34 -13.26
C ASN B 88 -11.15 -20.47 -14.30
N VAL B 89 -11.88 -20.26 -15.41
N VAL B 89 -11.89 -20.29 -15.41
CA VAL B 89 -12.11 -21.34 -16.37
CA VAL B 89 -12.07 -21.40 -16.34
C VAL B 89 -10.81 -21.73 -17.07
C VAL B 89 -10.80 -21.74 -17.07
N LEU B 90 -9.99 -20.75 -17.43
CA LEU B 90 -8.66 -21.07 -18.07
C LEU B 90 -7.69 -21.81 -17.13
N THR B 91 -7.91 -21.74 -15.83
CA THR B 91 -6.89 -22.23 -14.89
C THR B 91 -7.37 -23.22 -13.87
N MET B 92 -8.58 -23.76 -14.06
CA MET B 92 -9.23 -24.68 -13.09
C MET B 92 -8.36 -25.80 -12.59
N LEU B 93 -7.56 -26.37 -13.47
CA LEU B 93 -6.72 -27.54 -13.12
C LEU B 93 -5.27 -27.25 -12.76
N ASP B 94 -4.91 -25.98 -12.68
CA ASP B 94 -3.55 -25.67 -12.28
C ASP B 94 -3.46 -25.45 -10.76
N GLU B 95 -2.26 -25.28 -10.25
CA GLU B 95 -2.09 -24.84 -8.88
C GLU B 95 -1.97 -23.28 -8.88
N ALA B 96 -2.69 -22.60 -8.02
CA ALA B 96 -2.59 -21.17 -7.90
C ALA B 96 -2.61 -20.80 -6.44
N TYR B 97 -1.63 -19.92 -6.07
CA TYR B 97 -1.50 -19.50 -4.71
C TYR B 97 -0.77 -18.21 -4.60
N ILE B 98 -0.87 -17.63 -3.41
CA ILE B 98 -0.28 -16.38 -3.11
C ILE B 98 0.61 -16.65 -1.91
N GLN B 99 1.88 -16.33 -2.07
CA GLN B 99 2.90 -16.64 -1.07
C GLN B 99 3.66 -15.43 -0.63
N PRO B 100 3.71 -15.14 0.65
CA PRO B 100 4.40 -13.95 1.08
C PRO B 100 5.88 -14.12 1.17
N GLN B 101 6.58 -13.02 0.97
CA GLN B 101 8.02 -12.99 1.03
C GLN B 101 8.49 -11.67 1.50
N PRO B 102 9.67 -11.68 2.10
CA PRO B 102 10.26 -10.44 2.57
C PRO B 102 10.57 -9.43 1.53
N LEU B 103 10.57 -8.16 1.91
CA LEU B 103 10.89 -7.07 1.01
C LEU B 103 12.38 -6.96 0.90
N GLY B 104 13.09 -7.14 2.00
CA GLY B 104 14.54 -7.00 2.00
C GLY B 104 14.98 -6.24 3.23
N VAL B 105 15.48 -5.04 3.01
CA VAL B 105 15.89 -4.16 4.08
C VAL B 105 14.89 -3.00 4.38
N VAL B 106 14.39 -2.97 5.61
CA VAL B 106 13.38 -2.05 6.00
C VAL B 106 14.04 -1.05 6.97
N LEU B 107 13.67 0.23 6.76
CA LEU B 107 14.09 1.31 7.64
C LEU B 107 12.88 1.72 8.42
N ILE B 108 12.98 1.73 9.72
CA ILE B 108 11.99 2.29 10.67
C ILE B 108 12.53 3.54 11.30
N ILE B 109 11.77 4.61 11.15
CA ILE B 109 12.14 5.86 11.76
C ILE B 109 11.16 6.09 12.88
N GLY B 110 11.70 6.17 14.08
CA GLY B 110 10.88 6.19 15.30
C GLY B 110 10.39 7.60 15.68
N ALA B 111 9.32 7.69 16.45
CA ALA B 111 8.90 8.97 17.03
C ALA B 111 9.31 8.98 18.48
N TRP B 112 9.17 10.16 19.11
CA TRP B 112 9.73 10.41 20.41
C TRP B 112 8.73 10.21 21.54
N ASN B 113 7.43 10.21 21.24
CA ASN B 113 6.41 10.35 22.26
C ASN B 113 6.06 9.01 22.99
N TYR B 114 6.15 7.90 22.26
CA TYR B 114 6.08 6.59 22.79
C TYR B 114 7.24 5.92 22.08
N PRO B 115 8.45 6.14 22.58
CA PRO B 115 9.63 5.84 21.77
C PRO B 115 10.00 4.38 21.74
N PHE B 116 9.38 3.60 22.59
CA PHE B 116 9.65 2.18 22.62
C PHE B 116 8.62 1.47 21.71
N VAL B 117 7.36 1.81 21.84
CA VAL B 117 6.26 1.24 21.03
C VAL B 117 6.40 1.57 19.54
N LEU B 118 6.66 2.82 19.25
CA LEU B 118 6.83 3.30 17.90
C LEU B 118 8.12 2.89 17.21
N THR B 119 9.01 2.22 17.90
CA THR B 119 10.10 1.59 17.17
C THR B 119 9.94 0.06 17.17
N ILE B 120 9.65 -0.51 18.34
CA ILE B 120 9.59 -1.93 18.55
C ILE B 120 8.37 -2.58 17.96
N GLN B 121 7.22 -1.97 18.03
CA GLN B 121 6.05 -2.56 17.40
C GLN B 121 6.22 -2.75 15.88
N PRO B 122 6.72 -1.73 15.18
CA PRO B 122 6.93 -1.97 13.76
C PRO B 122 8.01 -3.00 13.55
N LEU B 123 9.03 -2.97 14.38
CA LEU B 123 10.12 -3.94 14.22
C LEU B 123 9.66 -5.36 14.25
N ILE B 124 8.74 -5.62 15.19
CA ILE B 124 8.21 -6.94 15.37
C ILE B 124 7.65 -7.45 14.04
N GLY B 125 6.85 -6.62 13.39
CA GLY B 125 6.24 -6.99 12.13
C GLY B 125 7.29 -7.19 11.02
N ALA B 126 8.29 -6.35 11.00
CA ALA B 126 9.34 -6.42 9.98
C ALA B 126 10.18 -7.71 10.17
N ILE B 127 10.48 -8.01 11.43
CA ILE B 127 11.20 -9.21 11.75
C ILE B 127 10.32 -10.38 11.27
N ALA B 128 9.04 -10.31 11.59
CA ALA B 128 8.20 -11.45 11.36
C ALA B 128 8.06 -11.74 9.89
N ALA B 129 8.15 -10.71 9.05
CA ALA B 129 8.01 -10.84 7.62
C ALA B 129 9.29 -11.27 6.93
N GLY B 130 10.34 -11.54 7.72
CA GLY B 130 11.62 -12.04 7.19
C GLY B 130 12.68 -11.00 6.80
N ASN B 131 12.43 -9.76 7.12
CA ASN B 131 13.31 -8.68 6.64
C ASN B 131 14.48 -8.46 7.51
N ALA B 132 15.45 -7.76 6.98
CA ALA B 132 16.46 -7.09 7.81
C ALA B 132 15.97 -5.72 8.12
N VAL B 133 16.38 -5.18 9.26
CA VAL B 133 15.85 -3.95 9.76
C VAL B 133 16.87 -3.01 10.33
N ILE B 134 16.74 -1.76 9.93
CA ILE B 134 17.47 -0.67 10.60
C ILE B 134 16.44 0.20 11.30
N ILE B 135 16.70 0.46 12.58
CA ILE B 135 15.89 1.37 13.34
C ILE B 135 16.69 2.63 13.56
N LYS B 136 16.06 3.78 13.35
CA LYS B 136 16.61 5.07 13.60
C LYS B 136 15.72 5.75 14.61
N PRO B 137 16.02 5.62 15.87
CA PRO B 137 15.16 6.23 16.94
C PRO B 137 15.21 7.75 16.97
N SER B 138 14.17 8.37 17.44
CA SER B 138 14.11 9.84 17.54
C SER B 138 15.16 10.30 18.57
N GLU B 139 15.97 11.28 18.17
CA GLU B 139 16.93 11.99 19.07
C GLU B 139 16.21 12.71 20.24
N LEU B 140 14.96 13.12 20.11
CA LEU B 140 14.30 13.84 21.20
C LEU B 140 14.05 12.91 22.42
N SER B 141 14.01 11.59 22.25
CA SER B 141 13.92 10.65 23.35
C SER B 141 15.27 9.91 23.55
N GLU B 142 16.21 10.62 24.16
CA GLU B 142 17.62 10.32 24.08
C GLU B 142 17.99 9.07 24.87
N ASN B 143 17.38 8.90 26.05
CA ASN B 143 17.69 7.75 26.90
C ASN B 143 17.24 6.45 26.26
N THR B 144 16.06 6.50 25.69
CA THR B 144 15.50 5.39 25.00
C THR B 144 16.32 5.02 23.78
N ALA B 145 16.67 6.02 22.98
CA ALA B 145 17.57 5.78 21.83
C ALA B 145 18.84 5.03 22.24
N LYS B 146 19.48 5.47 23.32
CA LYS B 146 20.71 4.83 23.79
C LYS B 146 20.43 3.45 24.30
N ILE B 147 19.37 3.25 25.08
CA ILE B 147 19.14 1.91 25.57
C ILE B 147 18.84 0.90 24.41
N LEU B 148 18.13 1.35 23.39
CA LEU B 148 17.92 0.51 22.18
C LEU B 148 19.21 0.06 21.54
N ALA B 149 20.12 1.01 21.35
CA ALA B 149 21.43 0.71 20.75
C ALA B 149 22.26 -0.22 21.62
N LYS B 150 22.09 -0.13 22.93
CA LYS B 150 22.82 -1.00 23.82
C LYS B 150 22.19 -2.41 23.89
N LEU B 151 20.86 -2.49 24.01
CA LEU B 151 20.26 -3.84 24.23
C LEU B 151 20.06 -4.70 23.00
N LEU B 152 19.64 -4.13 21.88
CA LEU B 152 19.37 -4.99 20.71
C LEU B 152 20.51 -5.90 20.35
N PRO B 153 21.75 -5.40 20.36
CA PRO B 153 22.83 -6.32 19.95
C PRO B 153 23.06 -7.42 20.91
N GLN B 154 22.52 -7.30 22.11
CA GLN B 154 22.74 -8.30 23.15
C GLN B 154 21.76 -9.44 23.01
N TYR B 155 20.68 -9.23 22.25
CA TYR B 155 19.65 -10.24 22.10
C TYR B 155 19.34 -10.66 20.66
N LEU B 156 19.27 -9.73 19.73
CA LEU B 156 18.96 -10.03 18.37
C LEU B 156 20.19 -10.21 17.49
N ASP B 157 20.01 -10.86 16.39
CA ASP B 157 21.07 -11.00 15.38
C ASP B 157 21.65 -9.65 15.08
N GLN B 158 22.95 -9.49 15.33
CA GLN B 158 23.63 -8.21 15.26
C GLN B 158 23.79 -7.54 13.91
N ASP B 159 23.78 -8.34 12.85
CA ASP B 159 23.96 -7.88 11.52
C ASP B 159 22.64 -7.73 10.71
N LEU B 160 21.59 -8.45 11.12
CA LEU B 160 20.26 -8.30 10.45
C LEU B 160 19.44 -7.17 10.97
N TYR B 161 19.63 -6.83 12.26
CA TYR B 161 18.75 -5.86 12.97
C TYR B 161 19.64 -4.85 13.77
N ILE B 162 19.71 -3.61 13.31
CA ILE B 162 20.62 -2.64 13.89
C ILE B 162 19.94 -1.35 14.23
N VAL B 163 20.61 -0.64 15.11
CA VAL B 163 20.16 0.66 15.54
C VAL B 163 21.15 1.70 15.06
N ILE B 164 20.67 2.72 14.40
CA ILE B 164 21.49 3.85 14.05
C ILE B 164 20.91 5.06 14.72
N ASN B 165 21.69 5.69 15.59
CA ASN B 165 21.30 6.94 16.26
C ASN B 165 21.72 8.20 15.51
N GLY B 166 20.86 9.23 15.51
CA GLY B 166 21.33 10.52 15.16
C GLY B 166 20.18 11.44 14.94
N GLY B 167 20.48 12.66 14.51
CA GLY B 167 19.49 13.70 14.34
C GLY B 167 19.17 13.93 12.86
N VAL B 168 18.71 15.14 12.52
CA VAL B 168 18.23 15.46 11.17
C VAL B 168 19.28 15.18 10.11
N GLU B 169 20.49 15.58 10.36
CA GLU B 169 21.59 15.40 9.41
C GLU B 169 21.94 13.94 9.14
N GLU B 170 22.03 13.13 10.20
CA GLU B 170 22.26 11.71 10.03
C GLU B 170 21.07 10.98 9.26
N THR B 171 19.83 11.33 9.56
CA THR B 171 18.66 10.83 8.92
C THR B 171 18.65 11.17 7.43
N THR B 172 19.00 12.41 7.10
CA THR B 172 19.15 12.82 5.71
C THR B 172 20.16 11.97 5.01
N GLU B 173 21.32 11.76 5.61
CA GLU B 173 22.31 10.88 4.94
C GLU B 173 21.77 9.44 4.82
N LEU B 174 21.09 8.97 5.85
CA LEU B 174 20.57 7.57 5.80
C LEU B 174 19.47 7.40 4.71
N LEU B 175 18.67 8.44 4.51
CA LEU B 175 17.66 8.44 3.46
C LEU B 175 18.18 8.49 2.03
N LYS B 176 19.46 8.80 1.84
CA LYS B 176 20.08 8.60 0.52
C LYS B 176 20.33 7.15 0.18
N GLN B 177 20.42 6.27 1.17
CA GLN B 177 20.70 4.84 0.87
C GLN B 177 19.44 4.15 0.31
N ARG B 178 19.64 3.01 -0.31
CA ARG B 178 18.55 2.25 -0.88
C ARG B 178 17.90 1.27 0.13
N PHE B 179 16.65 1.49 0.51
CA PHE B 179 15.91 0.51 1.25
C PHE B 179 14.79 -0.13 0.40
N ASP B 180 14.22 -1.24 0.92
CA ASP B 180 13.12 -1.89 0.26
C ASP B 180 11.78 -1.44 0.79
N HIS B 181 11.81 -0.79 1.95
CA HIS B 181 10.63 -0.24 2.61
C HIS B 181 11.07 0.75 3.65
N ILE B 182 10.32 1.84 3.80
CA ILE B 182 10.55 2.81 4.79
C ILE B 182 9.27 3.04 5.50
N PHE B 183 9.40 2.93 6.81
CA PHE B 183 8.31 3.13 7.78
C PHE B 183 8.67 4.34 8.67
N TYR B 184 7.80 5.32 8.69
CA TYR B 184 8.01 6.56 9.38
C TYR B 184 6.76 6.93 10.15
N THR B 185 6.99 7.22 11.43
CA THR B 185 6.01 7.86 12.26
C THR B 185 6.51 9.26 12.62
N GLY B 186 5.64 10.24 12.44
CA GLY B 186 5.95 11.59 12.85
C GLY B 186 5.00 12.60 12.29
N ASN B 187 5.53 13.66 11.70
CA ASN B 187 4.68 14.78 11.27
C ASN B 187 4.68 14.94 9.74
N THR B 188 3.63 15.57 9.24
CA THR B 188 3.38 15.84 7.83
C THR B 188 4.54 16.42 7.04
N ALA B 189 5.18 17.46 7.55
CA ALA B 189 6.25 18.06 6.82
C ALA B 189 7.38 17.07 6.62
N VAL B 190 7.75 16.35 7.67
CA VAL B 190 8.90 15.40 7.47
C VAL B 190 8.49 14.13 6.64
N GLY B 191 7.25 13.72 6.75
CA GLY B 191 6.63 12.72 5.83
C GLY B 191 6.88 12.99 4.36
N LYS B 192 6.68 14.26 3.95
CA LYS B 192 7.02 14.63 2.55
C LYS B 192 8.44 14.47 2.22
N ILE B 193 9.35 14.81 3.14
CA ILE B 193 10.75 14.62 2.89
C ILE B 193 11.11 13.10 2.75
N VAL B 194 10.55 12.28 3.65
CA VAL B 194 10.71 10.84 3.55
C VAL B 194 10.25 10.30 2.20
N MET B 195 9.04 10.72 1.80
CA MET B 195 8.48 10.23 0.57
C MET B 195 9.29 10.70 -0.65
N GLU B 196 9.82 11.91 -0.60
CA GLU B 196 10.64 12.42 -1.67
C GLU B 196 11.94 11.60 -1.77
N ALA B 197 12.58 11.34 -0.63
CA ALA B 197 13.73 10.42 -0.64
C ALA B 197 13.40 9.03 -1.12
N ALA B 198 12.26 8.50 -0.71
CA ALA B 198 11.89 7.16 -1.21
C ALA B 198 11.71 7.16 -2.73
N ALA B 199 11.22 8.29 -3.25
CA ALA B 199 10.94 8.43 -4.69
C ALA B 199 12.17 8.20 -5.50
N LYS B 200 13.34 8.60 -5.00
CA LYS B 200 14.56 8.43 -5.70
C LYS B 200 14.83 7.03 -6.00
N HIS B 201 14.34 6.08 -5.20
CA HIS B 201 14.64 4.71 -5.44
C HIS B 201 13.38 3.83 -5.65
N LEU B 202 12.18 4.46 -5.78
CA LEU B 202 10.88 3.71 -5.81
C LEU B 202 10.72 2.75 -4.65
N THR B 203 10.99 3.26 -3.46
CA THR B 203 10.82 2.54 -2.26
C THR B 203 9.40 2.80 -1.70
N PRO B 204 8.65 1.72 -1.39
CA PRO B 204 7.30 1.90 -0.85
C PRO B 204 7.44 2.42 0.57
N VAL B 205 6.49 3.19 1.03
CA VAL B 205 6.58 3.80 2.33
C VAL B 205 5.34 3.60 3.12
N THR B 206 5.47 3.55 4.42
CA THR B 206 4.35 3.69 5.33
C THR B 206 4.61 4.89 6.19
N LEU B 207 3.64 5.79 6.22
CA LEU B 207 3.79 7.05 6.92
C LEU B 207 2.65 7.21 7.86
N GLU B 208 2.95 7.32 9.15
CA GLU B 208 1.98 7.44 10.26
C GLU B 208 2.12 8.82 10.80
N LEU B 209 1.19 9.67 10.43
CA LEU B 209 1.42 11.06 10.57
C LEU B 209 0.36 11.60 11.52
N GLY B 210 0.18 12.89 11.55
CA GLY B 210 -0.71 13.46 12.62
C GLY B 210 -1.92 14.18 12.09
N GLY B 211 -2.19 15.34 12.69
CA GLY B 211 -3.45 16.05 12.45
C GLY B 211 -4.19 16.37 13.73
N LYS B 212 -5.40 16.85 13.59
CA LYS B 212 -6.20 17.21 14.72
C LYS B 212 -7.39 16.30 14.75
N SER B 213 -7.37 15.36 15.71
CA SER B 213 -8.45 14.44 15.94
C SER B 213 -9.61 15.06 16.64
N PRO B 214 -10.74 15.14 15.95
CA PRO B 214 -11.86 15.81 16.55
C PRO B 214 -12.62 14.87 17.43
N CYS B 215 -13.28 15.47 18.42
CA CYS B 215 -14.14 14.73 19.27
C CYS B 215 -15.51 15.44 19.32
N TYR B 216 -16.51 14.86 18.63
CA TYR B 216 -17.89 15.31 18.73
C TYR B 216 -18.67 14.76 19.93
N ILE B 217 -19.30 15.70 20.66
CA ILE B 217 -20.18 15.39 21.76
C ILE B 217 -21.63 15.79 21.49
N ASP B 218 -22.52 14.80 21.41
CA ASP B 218 -23.96 14.99 21.15
C ASP B 218 -24.66 15.27 22.50
N LYS B 219 -25.78 15.99 22.49
CA LYS B 219 -26.53 16.21 23.72
C LYS B 219 -27.19 14.95 24.26
N ASP B 220 -27.52 14.01 23.42
CA ASP B 220 -28.23 12.81 23.87
C ASP B 220 -27.12 11.87 24.37
N CYS B 221 -26.65 12.09 25.62
CA CYS B 221 -25.65 11.20 26.30
C CYS B 221 -25.21 11.64 27.69
N ASP B 222 -24.68 10.70 28.49
CA ASP B 222 -24.25 11.00 29.86
C ASP B 222 -22.86 11.61 29.94
N LEU B 223 -22.82 12.91 30.17
CA LEU B 223 -21.57 13.66 30.20
C LEU B 223 -20.60 13.26 31.28
N ASP B 224 -21.09 12.65 32.33
CA ASP B 224 -20.16 12.14 33.36
C ASP B 224 -19.22 11.08 32.74
N ILE B 225 -19.80 10.16 31.99
CA ILE B 225 -19.06 9.09 31.39
C ILE B 225 -18.16 9.67 30.25
N VAL B 226 -18.76 10.42 29.37
CA VAL B 226 -18.06 11.08 28.25
C VAL B 226 -16.82 11.82 28.68
N CYS B 227 -16.97 12.63 29.73
CA CYS B 227 -15.89 13.49 30.13
C CYS B 227 -14.75 12.75 30.76
N ARG B 228 -15.04 11.66 31.48
CA ARG B 228 -13.97 10.85 32.03
C ARG B 228 -13.12 10.20 30.93
N ARG B 229 -13.77 9.72 29.91
CA ARG B 229 -13.05 9.04 28.84
C ARG B 229 -12.20 10.03 28.10
N ILE B 230 -12.78 11.20 27.81
CA ILE B 230 -12.02 12.25 27.15
C ILE B 230 -10.85 12.75 27.96
N THR B 231 -11.05 12.96 29.27
CA THR B 231 -10.00 13.46 30.09
C THR B 231 -8.81 12.50 30.08
N TRP B 232 -9.12 11.21 30.20
CA TRP B 232 -8.07 10.18 30.16
C TRP B 232 -7.23 10.28 28.88
N GLY B 233 -7.93 10.30 27.74
CA GLY B 233 -7.23 10.26 26.46
C GLY B 233 -6.55 11.55 26.15
N LYS B 234 -7.11 12.66 26.59
CA LYS B 234 -6.50 13.99 26.31
C LYS B 234 -5.19 14.14 27.09
N TYR B 235 -5.23 13.80 28.40
CA TYR B 235 -4.17 14.22 29.31
C TYR B 235 -3.14 13.19 29.54
N MET B 236 -3.36 11.98 29.01
CA MET B 236 -2.33 10.94 28.99
C MET B 236 -1.12 11.46 28.21
N ASN B 237 0.07 11.19 28.73
CA ASN B 237 1.28 11.68 28.14
C ASN B 237 1.26 13.18 27.91
N CYS B 238 0.48 13.93 28.69
CA CYS B 238 0.39 15.38 28.47
C CYS B 238 -0.16 15.73 27.12
N GLY B 239 -0.98 14.85 26.52
CA GLY B 239 -1.61 15.22 25.26
C GLY B 239 -0.70 14.98 24.07
N GLN B 240 0.48 14.42 24.34
CA GLN B 240 1.48 14.19 23.32
C GLN B 240 1.25 12.83 22.65
N THR B 241 0.15 12.74 21.93
CA THR B 241 -0.34 11.57 21.37
C THR B 241 -1.08 11.91 20.11
N CYS B 242 -0.76 11.20 19.01
CA CYS B 242 -1.46 11.45 17.69
C CYS B 242 -2.93 11.14 17.70
N ILE B 243 -3.22 10.11 18.48
N ILE B 243 -3.31 10.10 18.44
CA ILE B 243 -4.55 9.57 18.73
CA ILE B 243 -4.74 9.77 18.56
C ILE B 243 -5.37 10.33 19.83
C ILE B 243 -5.42 10.38 19.81
N ALA B 244 -4.74 11.32 20.49
CA ALA B 244 -5.44 12.07 21.52
C ALA B 244 -6.62 12.87 20.87
N PRO B 245 -7.68 13.05 21.62
CA PRO B 245 -8.70 14.01 21.13
C PRO B 245 -8.06 15.41 21.14
N ASP B 246 -7.88 15.99 19.96
CA ASP B 246 -7.22 17.30 19.86
C ASP B 246 -8.22 18.42 20.30
N TYR B 247 -9.45 18.36 19.85
CA TYR B 247 -10.46 19.33 20.21
C TYR B 247 -11.81 18.74 20.22
N ILE B 248 -12.69 19.45 20.90
CA ILE B 248 -14.08 19.12 20.97
C ILE B 248 -15.00 20.02 20.10
N LEU B 249 -15.95 19.39 19.44
CA LEU B 249 -17.05 20.07 18.77
C LEU B 249 -18.30 19.72 19.53
N CYS B 250 -19.08 20.72 19.90
CA CYS B 250 -20.36 20.47 20.55
C CYS B 250 -21.22 21.75 20.63
N GLU B 251 -22.50 21.54 20.84
CA GLU B 251 -23.43 22.65 21.05
C GLU B 251 -22.91 23.53 22.19
N ALA B 252 -22.93 24.83 21.99
CA ALA B 252 -22.45 25.84 22.95
C ALA B 252 -22.88 25.74 24.38
N SER B 253 -24.11 25.36 24.62
CA SER B 253 -24.63 25.19 25.96
C SER B 253 -24.12 23.96 26.68
N LEU B 254 -23.45 23.03 25.99
CA LEU B 254 -22.83 21.93 26.75
C LEU B 254 -21.60 22.42 27.44
N GLN B 255 -21.06 23.54 27.02
CA GLN B 255 -19.76 23.89 27.49
C GLN B 255 -19.58 23.83 28.98
N ASN B 256 -20.47 24.44 29.72
CA ASN B 256 -20.30 24.51 31.16
C ASN B 256 -20.19 23.13 31.81
N GLN B 257 -21.10 22.23 31.49
CA GLN B 257 -21.08 20.94 32.14
C GLN B 257 -19.81 20.13 31.78
N ILE B 258 -19.38 20.26 30.51
CA ILE B 258 -18.13 19.65 30.06
C ILE B 258 -16.92 20.15 30.83
N VAL B 259 -16.81 21.46 30.92
CA VAL B 259 -15.75 22.06 31.69
C VAL B 259 -15.75 21.55 33.13
N TRP B 260 -16.94 21.53 33.74
CA TRP B 260 -17.02 21.15 35.11
C TRP B 260 -16.58 19.65 35.31
N LYS B 261 -17.10 18.77 34.46
CA LYS B 261 -16.84 17.33 34.61
C LYS B 261 -15.41 16.98 34.28
N ILE B 262 -14.77 17.70 33.35
CA ILE B 262 -13.36 17.43 33.11
C ILE B 262 -12.48 17.87 34.28
N LYS B 263 -12.79 19.07 34.81
CA LYS B 263 -12.15 19.55 36.01
C LYS B 263 -12.32 18.60 37.19
N GLU B 264 -13.52 18.08 37.40
CA GLU B 264 -13.68 17.10 38.49
C GLU B 264 -12.84 15.81 38.19
N THR B 265 -12.83 15.37 36.93
CA THR B 265 -12.08 14.19 36.59
C THR B 265 -10.57 14.42 36.74
N VAL B 266 -10.11 15.62 36.35
CA VAL B 266 -8.69 15.94 36.50
C VAL B 266 -8.31 15.83 37.95
N LYS B 267 -9.19 16.28 38.84
CA LYS B 267 -8.91 16.19 40.26
C LYS B 267 -8.87 14.73 40.76
N GLU B 268 -9.78 13.89 40.33
CA GLU B 268 -9.66 12.50 40.77
C GLU B 268 -8.42 11.84 40.20
N PHE B 269 -8.06 12.16 38.95
CA PHE B 269 -6.95 11.44 38.28
C PHE B 269 -5.64 11.93 38.78
N TYR B 270 -5.52 13.26 38.92
CA TYR B 270 -4.21 13.87 39.23
C TYR B 270 -4.05 14.53 40.61
N GLY B 271 -5.13 14.58 41.37
CA GLY B 271 -5.14 15.17 42.71
C GLY B 271 -5.28 16.68 42.58
N GLU B 272 -5.30 17.34 43.76
CA GLU B 272 -5.41 18.79 43.92
C GLU B 272 -4.19 19.52 43.46
N ASN B 273 -3.03 19.01 43.78
CA ASN B 273 -1.80 19.61 43.35
C ASN B 273 -1.18 18.80 42.18
N ILE B 274 -1.51 19.22 40.96
CA ILE B 274 -1.22 18.41 39.79
C ILE B 274 0.29 18.22 39.53
N LYS B 275 1.08 19.22 39.93
CA LYS B 275 2.50 19.20 39.80
C LYS B 275 3.14 18.11 40.62
N GLU B 276 2.45 17.64 41.65
CA GLU B 276 2.91 16.50 42.48
C GLU B 276 2.45 15.12 42.01
N SER B 277 1.55 15.07 41.02
CA SER B 277 1.08 13.76 40.52
C SER B 277 2.23 13.00 39.85
N PRO B 278 2.54 11.79 40.33
CA PRO B 278 3.41 10.89 39.53
C PRO B 278 2.73 10.49 38.19
N ASP B 279 1.44 10.73 38.01
CA ASP B 279 0.78 10.33 36.78
C ASP B 279 0.76 11.30 35.60
N TYR B 280 1.28 12.51 35.79
CA TYR B 280 1.12 13.57 34.80
C TYR B 280 2.49 13.92 34.37
N GLU B 281 2.73 13.88 33.09
CA GLU B 281 4.06 13.97 32.49
C GLU B 281 4.49 15.43 32.25
N ARG B 282 5.57 15.60 31.50
CA ARG B 282 6.03 16.93 31.16
C ARG B 282 6.20 16.99 29.64
N ILE B 283 6.15 18.23 29.13
CA ILE B 283 6.37 18.47 27.74
C ILE B 283 7.81 18.02 27.36
N ILE B 284 7.97 17.44 26.19
CA ILE B 284 9.26 16.79 25.83
C ILE B 284 10.52 17.69 25.83
N ASN B 285 10.40 18.94 25.37
CA ASN B 285 11.54 19.87 25.37
C ASN B 285 11.04 21.28 25.31
N LEU B 286 11.99 22.21 25.33
CA LEU B 286 11.72 23.62 25.46
C LEU B 286 11.07 24.16 24.22
N ARG B 287 11.52 23.73 23.03
CA ARG B 287 10.87 24.18 21.80
C ARG B 287 9.38 23.84 21.86
N HIS B 288 9.02 22.60 22.23
CA HIS B 288 7.61 22.28 22.30
C HIS B 288 6.91 22.98 23.45
N PHE B 289 7.61 23.17 24.57
CA PHE B 289 6.99 23.91 25.66
C PHE B 289 6.50 25.26 25.12
N LYS B 290 7.37 25.96 24.40
CA LYS B 290 7.08 27.38 23.98
C LYS B 290 6.01 27.41 22.94
N ARG B 291 6.06 26.42 22.06
CA ARG B 291 5.00 26.28 21.04
C ARG B 291 3.63 26.18 21.70
N ILE B 292 3.53 25.27 22.68
CA ILE B 292 2.24 25.03 23.34
C ILE B 292 1.79 26.26 24.14
N LEU B 293 2.72 26.91 24.85
CA LEU B 293 2.41 28.23 25.54
C LEU B 293 1.78 29.24 24.65
N SER B 294 2.35 29.43 23.46
CA SER B 294 1.87 30.42 22.46
C SER B 294 0.40 30.17 22.04
N LEU B 295 -0.02 28.90 22.12
CA LEU B 295 -1.42 28.60 21.75
C LEU B 295 -2.35 29.15 22.79
N LEU B 296 -1.84 29.47 23.98
CA LEU B 296 -2.70 29.98 25.03
C LEU B 296 -3.00 31.49 24.84
N GLU B 297 -2.13 32.23 24.15
CA GLU B 297 -2.32 33.67 24.07
C GLU B 297 -3.61 34.06 23.43
N GLY B 298 -4.32 35.00 24.04
CA GLY B 298 -5.57 35.48 23.48
C GLY B 298 -6.80 34.66 23.81
N GLN B 299 -6.65 33.54 24.50
CA GLN B 299 -7.77 32.61 24.63
C GLN B 299 -8.49 32.75 25.96
N LYS B 300 -9.74 32.36 25.97
CA LYS B 300 -10.48 32.30 27.20
C LYS B 300 -10.20 30.93 27.90
N ILE B 301 -9.47 30.99 29.01
CA ILE B 301 -9.16 29.80 29.84
C ILE B 301 -10.28 29.46 30.83
N ALA B 302 -10.93 28.29 30.67
CA ALA B 302 -12.02 27.89 31.57
C ALA B 302 -11.40 27.35 32.84
N PHE B 303 -10.31 26.62 32.69
CA PHE B 303 -9.46 26.32 33.81
C PHE B 303 -8.16 25.80 33.30
N GLY B 304 -7.21 25.74 34.25
CA GLY B 304 -5.84 25.34 34.04
C GLY B 304 -5.02 26.50 33.57
N GLY B 305 -4.02 26.27 32.71
CA GLY B 305 -3.26 27.33 32.11
C GLY B 305 -1.98 27.70 32.83
N GLU B 306 -1.77 27.13 34.04
CA GLU B 306 -0.52 27.30 34.78
C GLU B 306 0.61 26.59 34.06
N THR B 307 1.75 27.26 33.98
CA THR B 307 2.94 26.70 33.36
C THR B 307 4.20 26.94 34.18
N ASP B 308 5.23 26.19 33.89
CA ASP B 308 6.49 26.34 34.55
C ASP B 308 7.57 25.92 33.59
N GLU B 309 8.33 26.90 33.12
CA GLU B 309 9.32 26.65 32.09
C GLU B 309 10.39 25.71 32.53
N ALA B 310 10.88 25.87 33.74
CA ALA B 310 12.02 25.10 34.18
C ALA B 310 11.75 23.58 34.23
N THR B 311 10.53 23.16 34.59
CA THR B 311 10.23 21.71 34.57
C THR B 311 9.39 21.27 33.32
N ARG B 312 9.04 22.25 32.48
CA ARG B 312 8.25 22.04 31.23
C ARG B 312 6.86 21.53 31.59
N TYR B 313 6.30 22.11 32.63
CA TYR B 313 5.03 21.73 33.11
C TYR B 313 4.00 22.64 32.55
N ILE B 314 2.95 22.06 31.99
CA ILE B 314 1.78 22.74 31.60
C ILE B 314 0.60 21.99 32.11
N ALA B 315 -0.25 22.68 32.84
CA ALA B 315 -1.35 22.09 33.58
C ALA B 315 -2.45 21.76 32.62
N PRO B 316 -3.28 20.75 32.95
CA PRO B 316 -4.39 20.42 32.13
C PRO B 316 -5.28 21.62 31.96
N THR B 317 -5.69 21.86 30.71
CA THR B 317 -6.34 23.10 30.34
C THR B 317 -7.46 22.86 29.35
N VAL B 318 -8.56 23.58 29.55
CA VAL B 318 -9.70 23.60 28.67
C VAL B 318 -10.00 25.08 28.27
N LEU B 319 -10.24 25.36 27.00
CA LEU B 319 -10.63 26.65 26.50
C LEU B 319 -12.02 26.56 25.91
N THR B 320 -12.83 27.61 26.10
CA THR B 320 -14.21 27.72 25.67
C THR B 320 -14.37 28.73 24.53
N ASP B 321 -15.33 28.47 23.66
CA ASP B 321 -15.88 29.40 22.72
C ASP B 321 -14.80 29.74 21.76
N VAL B 322 -14.04 28.75 21.37
CA VAL B 322 -12.84 29.01 20.65
C VAL B 322 -13.17 29.29 19.21
N ASP B 323 -12.53 30.34 18.72
CA ASP B 323 -12.58 30.74 17.37
C ASP B 323 -11.58 29.81 16.56
N PRO B 324 -12.07 29.14 15.51
CA PRO B 324 -11.31 28.19 14.66
C PRO B 324 -10.15 28.76 13.89
N LYS B 325 -10.05 30.07 13.86
CA LYS B 325 -8.98 30.74 13.13
C LYS B 325 -7.75 31.02 13.97
N THR B 326 -7.87 30.98 15.29
CA THR B 326 -6.71 31.15 16.16
C THR B 326 -5.71 29.98 16.13
N LYS B 327 -4.50 30.19 16.66
CA LYS B 327 -3.36 29.33 16.53
C LYS B 327 -3.69 27.92 17.10
N VAL B 328 -4.40 27.87 18.22
CA VAL B 328 -4.68 26.61 18.89
C VAL B 328 -5.57 25.71 18.02
N MET B 329 -6.31 26.26 17.07
CA MET B 329 -7.09 25.50 16.10
C MET B 329 -6.47 25.47 14.68
N GLN B 330 -5.21 25.78 14.54
CA GLN B 330 -4.60 25.74 13.26
C GLN B 330 -3.38 24.91 13.21
N GLU B 331 -2.99 24.29 14.31
CA GLU B 331 -1.99 23.26 14.23
C GLU B 331 -2.33 22.15 15.23
N GLU B 332 -1.68 21.02 15.06
CA GLU B 332 -1.83 19.90 15.98
C GLU B 332 -1.32 20.36 17.39
N ILE B 333 -2.13 20.24 18.45
CA ILE B 333 -1.78 20.80 19.75
C ILE B 333 -0.62 20.03 20.36
N PHE B 334 -0.80 18.71 20.42
CA PHE B 334 0.25 17.80 20.98
C PHE B 334 0.70 18.28 22.36
N GLY B 335 -0.31 18.66 23.15
CA GLY B 335 -0.08 19.12 24.51
C GLY B 335 -1.41 19.18 25.25
N PRO B 336 -1.37 19.62 26.54
CA PRO B 336 -2.50 19.47 27.47
C PRO B 336 -3.56 20.60 27.45
N ILE B 337 -3.97 20.98 26.25
CA ILE B 337 -4.95 22.04 26.01
C ILE B 337 -6.00 21.47 25.15
N LEU B 338 -7.22 21.57 25.65
CA LEU B 338 -8.35 21.10 25.01
C LEU B 338 -9.34 22.26 24.65
N PRO B 339 -9.33 22.72 23.39
CA PRO B 339 -10.31 23.70 22.93
C PRO B 339 -11.70 23.15 22.62
N ILE B 340 -12.72 23.88 22.98
CA ILE B 340 -14.09 23.55 22.60
C ILE B 340 -14.57 24.56 21.56
N VAL B 341 -15.03 24.06 20.42
CA VAL B 341 -15.47 24.85 19.31
C VAL B 341 -16.93 24.55 19.17
N PRO B 342 -17.79 25.55 19.46
CA PRO B 342 -19.22 25.34 19.40
C PRO B 342 -19.76 25.12 17.99
N VAL B 343 -20.66 24.16 17.85
CA VAL B 343 -21.33 23.95 16.60
C VAL B 343 -22.75 23.64 16.93
N LYS B 344 -23.62 24.20 16.13
CA LYS B 344 -25.04 24.13 16.37
C LYS B 344 -25.62 22.69 16.29
N ASN B 345 -25.09 21.83 15.42
CA ASN B 345 -25.63 20.51 15.25
C ASN B 345 -24.63 19.58 14.50
N VAL B 346 -25.03 18.33 14.23
CA VAL B 346 -24.14 17.41 13.62
C VAL B 346 -23.74 17.83 12.17
N ASP B 347 -24.65 18.39 11.36
CA ASP B 347 -24.25 18.83 9.98
C ASP B 347 -23.13 19.80 10.05
N GLU B 348 -23.17 20.69 11.04
CA GLU B 348 -22.11 21.74 11.14
C GLU B 348 -20.77 21.10 11.53
N ALA B 349 -20.86 20.05 12.31
CA ALA B 349 -19.64 19.40 12.85
C ALA B 349 -19.04 18.65 11.70
N ILE B 350 -19.87 17.92 10.96
CA ILE B 350 -19.40 17.16 9.82
C ILE B 350 -18.78 18.09 8.80
N ASN B 351 -19.47 19.18 8.45
CA ASN B 351 -18.85 20.21 7.58
C ASN B 351 -17.51 20.75 8.11
N PHE B 352 -17.46 21.04 9.41
CA PHE B 352 -16.22 21.55 9.99
C PHE B 352 -15.00 20.56 9.77
N ILE B 353 -15.30 19.29 10.02
CA ILE B 353 -14.24 18.24 9.95
C ILE B 353 -13.80 18.07 8.49
N ASN B 354 -14.80 18.08 7.59
CA ASN B 354 -14.58 17.92 6.17
C ASN B 354 -13.81 19.02 5.54
N GLU B 355 -13.89 20.25 6.03
CA GLU B 355 -13.07 21.34 5.45
C GLU B 355 -11.61 21.20 5.84
N ARG B 356 -11.30 20.37 6.81
CA ARG B 356 -9.94 20.25 7.31
C ARG B 356 -9.28 18.98 6.78
N GLU B 357 -8.00 18.81 7.07
CA GLU B 357 -7.29 17.65 6.61
C GLU B 357 -7.78 16.44 7.40
N LYS B 358 -7.65 15.27 6.79
CA LYS B 358 -8.27 14.04 7.32
C LYS B 358 -7.46 13.58 8.53
N PRO B 359 -8.11 13.47 9.68
CA PRO B 359 -7.36 13.21 10.90
C PRO B 359 -7.11 11.74 11.03
N LEU B 360 -6.18 11.42 11.88
CA LEU B 360 -5.79 10.06 12.20
C LEU B 360 -6.89 9.34 12.89
N ALA B 361 -7.56 10.07 13.80
CA ALA B 361 -8.67 9.56 14.48
C ALA B 361 -9.87 10.52 14.56
N LEU B 362 -11.08 9.98 14.71
CA LEU B 362 -12.31 10.70 14.90
C LEU B 362 -13.04 10.00 16.04
N TYR B 363 -13.60 10.81 16.95
CA TYR B 363 -14.31 10.33 18.11
C TYR B 363 -15.69 10.90 18.17
N VAL B 364 -16.69 10.09 18.44
CA VAL B 364 -18.05 10.57 18.47
C VAL B 364 -18.75 10.03 19.65
N PHE B 365 -19.31 10.90 20.50
CA PHE B 365 -20.02 10.46 21.71
C PHE B 365 -21.49 10.75 21.55
N SER B 366 -22.32 9.72 21.66
CA SER B 366 -23.80 9.79 21.50
C SER B 366 -24.41 8.42 21.79
N HIS B 367 -25.63 8.41 22.28
CA HIS B 367 -26.47 7.16 22.35
C HIS B 367 -27.22 6.95 21.05
N ASN B 368 -27.15 7.91 20.16
CA ASN B 368 -27.97 7.87 18.98
C ASN B 368 -27.15 7.26 17.84
N HIS B 369 -27.63 6.15 17.30
CA HIS B 369 -26.80 5.24 16.55
C HIS B 369 -26.77 5.70 15.17
N LYS B 370 -27.86 6.27 14.74
CA LYS B 370 -27.97 6.89 13.42
C LYS B 370 -27.07 8.08 13.32
N LEU B 371 -26.99 8.87 14.40
CA LEU B 371 -26.09 10.00 14.40
C LEU B 371 -24.61 9.54 14.22
N ILE B 372 -24.25 8.49 14.91
CA ILE B 372 -22.89 7.98 14.78
C ILE B 372 -22.60 7.50 13.36
N LYS B 373 -23.59 6.86 12.71
CA LYS B 373 -23.41 6.30 11.35
C LYS B 373 -23.30 7.39 10.35
N ARG B 374 -24.04 8.44 10.52
CA ARG B 374 -23.91 9.57 9.63
C ARG B 374 -22.55 10.16 9.74
N MET B 375 -22.10 10.36 10.96
CA MET B 375 -20.81 10.94 11.20
C MET B 375 -19.74 10.08 10.51
N ILE B 376 -19.82 8.77 10.63
CA ILE B 376 -18.81 7.90 10.07
C ILE B 376 -18.89 8.00 8.59
N ASP B 377 -20.11 7.79 8.05
CA ASP B 377 -20.28 7.71 6.59
C ASP B 377 -19.92 9.01 5.89
N GLU B 378 -20.00 10.14 6.56
CA GLU B 378 -19.81 11.43 5.82
C GLU B 378 -18.47 12.04 6.08
N THR B 379 -17.65 11.41 6.89
CA THR B 379 -16.30 11.90 7.09
C THR B 379 -15.30 10.89 6.67
N SER B 380 -14.04 11.25 6.73
CA SER B 380 -12.99 10.30 6.48
C SER B 380 -11.87 10.48 7.55
N SER B 381 -11.45 9.40 8.16
CA SER B 381 -10.38 9.47 9.17
C SER B 381 -9.66 8.14 9.19
N GLY B 382 -8.51 8.12 9.82
CA GLY B 382 -7.73 6.87 9.96
C GLY B 382 -8.48 5.77 10.64
N GLY B 383 -9.14 6.12 11.73
CA GLY B 383 -10.00 5.22 12.49
C GLY B 383 -10.99 6.03 13.33
N VAL B 384 -11.94 5.33 13.92
CA VAL B 384 -13.03 5.89 14.63
C VAL B 384 -13.28 5.09 15.93
N THR B 385 -13.50 5.79 17.04
CA THR B 385 -14.04 5.16 18.21
C THR B 385 -15.30 5.95 18.58
N GLY B 386 -16.40 5.22 18.74
CA GLY B 386 -17.65 5.73 19.21
C GLY B 386 -17.75 5.58 20.70
N ASN B 387 -18.06 6.66 21.41
CA ASN B 387 -18.23 6.58 22.86
C ASN B 387 -17.03 6.22 23.72
N ASP B 388 -15.85 6.35 23.11
CA ASP B 388 -14.60 6.32 23.86
C ASP B 388 -13.55 7.00 23.04
N VAL B 389 -12.36 7.08 23.57
CA VAL B 389 -11.22 7.56 22.80
C VAL B 389 -10.14 6.45 22.79
N ILE B 390 -9.25 6.45 21.82
CA ILE B 390 -7.98 5.68 21.90
C ILE B 390 -8.13 4.16 21.62
N MET B 391 -9.22 3.56 22.05
CA MET B 391 -9.28 2.11 22.18
C MET B 391 -9.20 1.35 20.89
N HIS B 392 -9.56 2.00 19.78
CA HIS B 392 -9.48 1.34 18.54
C HIS B 392 -8.03 0.92 18.22
N PHE B 393 -7.04 1.59 18.83
CA PHE B 393 -5.64 1.30 18.73
C PHE B 393 -5.31 -0.10 19.17
N THR B 394 -6.07 -0.61 20.13
CA THR B 394 -5.69 -1.81 20.86
C THR B 394 -6.15 -3.05 20.18
N LEU B 395 -6.89 -2.98 19.10
CA LEU B 395 -7.30 -4.26 18.47
C LEU B 395 -6.30 -4.68 17.42
N ASN B 396 -5.74 -5.84 17.59
CA ASN B 396 -4.88 -6.46 16.60
C ASN B 396 -5.48 -6.65 15.25
N SER B 397 -6.77 -6.85 15.23
CA SER B 397 -7.49 -7.14 13.98
C SER B 397 -7.71 -5.86 13.10
N PHE B 398 -7.51 -4.68 13.67
CA PHE B 398 -7.65 -3.42 12.90
C PHE B 398 -6.33 -2.98 12.28
N PRO B 399 -6.39 -2.45 11.07
CA PRO B 399 -5.19 -1.72 10.54
C PRO B 399 -5.16 -0.42 11.22
N PHE B 400 -3.98 -0.03 11.68
CA PHE B 400 -3.79 1.25 12.34
C PHE B 400 -2.94 2.12 11.41
N GLY B 401 -3.52 3.22 10.98
CA GLY B 401 -2.89 4.10 10.03
C GLY B 401 -3.78 5.27 9.68
N GLY B 402 -3.21 6.19 8.91
CA GLY B 402 -3.90 7.40 8.56
C GLY B 402 -4.46 7.35 7.17
N VAL B 403 -4.92 8.50 6.68
CA VAL B 403 -5.42 8.61 5.30
C VAL B 403 -5.25 10.14 4.97
N GLY B 404 -4.99 10.48 3.72
CA GLY B 404 -4.67 11.85 3.31
C GLY B 404 -3.49 12.34 4.10
N SER B 405 -3.62 13.51 4.67
CA SER B 405 -2.52 14.08 5.48
C SER B 405 -2.18 13.35 6.76
N SER B 406 -3.05 12.50 7.30
CA SER B 406 -2.63 11.79 8.49
C SER B 406 -1.84 10.51 8.07
N GLY B 407 -1.61 10.28 6.78
CA GLY B 407 -0.72 9.25 6.34
C GLY B 407 -1.22 8.27 5.31
N MET B 408 -0.39 7.30 5.02
CA MET B 408 -0.71 6.20 4.11
C MET B 408 -0.11 4.91 4.62
N GLY B 409 -0.79 3.82 4.28
CA GLY B 409 -0.45 2.51 4.80
C GLY B 409 -0.88 2.28 6.22
N ALA B 410 -0.70 1.05 6.65
CA ALA B 410 -1.13 0.68 7.95
C ALA B 410 -0.37 -0.46 8.55
N TYR B 411 -0.48 -0.61 9.88
CA TYR B 411 0.14 -1.75 10.52
C TYR B 411 -0.61 -2.20 11.75
N HIS B 412 0.01 -3.14 12.50
CA HIS B 412 -0.47 -3.86 13.67
C HIS B 412 -0.92 -5.23 13.22
N GLY B 413 -0.47 -6.24 14.00
CA GLY B 413 -0.81 -7.61 13.79
C GLY B 413 -0.51 -8.01 12.38
N LYS B 414 -1.50 -8.62 11.73
CA LYS B 414 -1.27 -9.14 10.43
C LYS B 414 -1.02 -8.00 9.43
N HIS B 415 -1.57 -6.84 9.70
CA HIS B 415 -1.34 -5.70 8.79
C HIS B 415 0.18 -5.29 8.82
N SER B 416 0.88 -5.49 9.92
CA SER B 416 2.32 -5.26 9.95
C SER B 416 2.98 -6.28 9.03
N PHE B 417 2.61 -7.56 9.20
CA PHE B 417 3.25 -8.58 8.42
C PHE B 417 3.07 -8.30 6.88
N ASP B 418 1.88 -7.97 6.50
CA ASP B 418 1.57 -7.68 5.10
C ASP B 418 2.26 -6.41 4.58
N THR B 419 2.29 -5.40 5.40
CA THR B 419 3.02 -4.16 5.07
C THR B 419 4.52 -4.42 4.81
N PHE B 420 5.14 -5.36 5.52
CA PHE B 420 6.52 -5.62 5.27
C PHE B 420 6.78 -6.84 4.44
N SER B 421 5.77 -7.27 3.71
CA SER B 421 5.92 -8.40 2.81
C SER B 421 5.55 -8.04 1.39
N HIS B 422 6.01 -8.83 0.43
CA HIS B 422 5.38 -8.86 -0.89
C HIS B 422 4.48 -10.14 -1.02
N GLN B 423 3.21 -10.02 -1.34
CA GLN B 423 2.31 -11.16 -1.52
C GLN B 423 2.45 -11.58 -2.98
N ARG B 424 3.16 -12.68 -3.22
CA ARG B 424 3.58 -12.98 -4.59
C ARG B 424 2.67 -14.06 -5.17
N PRO B 425 1.93 -13.75 -6.24
CA PRO B 425 1.07 -14.77 -6.87
C PRO B 425 1.81 -15.65 -7.84
N CYS B 426 1.52 -16.95 -7.73
CA CYS B 426 2.19 -18.03 -8.40
C CYS B 426 1.18 -18.96 -9.03
N LEU B 427 1.26 -19.09 -10.34
CA LEU B 427 0.34 -19.98 -11.07
C LEU B 427 1.24 -21.02 -11.64
N LEU B 428 1.08 -22.27 -11.24
CA LEU B 428 1.92 -23.38 -11.74
C LEU B 428 1.08 -24.29 -12.62
N LYS B 429 1.35 -24.29 -13.92
CA LYS B 429 0.76 -25.26 -14.87
C LYS B 429 1.66 -26.44 -15.08
N SER B 430 1.14 -27.42 -15.80
CA SER B 430 1.97 -28.56 -16.19
C SER B 430 2.15 -28.43 -17.69
N LEU B 431 3.13 -29.15 -18.19
CA LEU B 431 3.41 -29.23 -19.61
C LEU B 431 2.45 -30.18 -20.36
N LYS B 432 1.19 -30.23 -19.99
CA LYS B 432 0.25 -31.13 -20.63
C LYS B 432 -0.83 -30.26 -21.27
N ARG B 433 -1.81 -30.89 -21.92
CA ARG B 433 -3.03 -30.19 -22.38
C ARG B 433 -2.73 -29.04 -23.35
N GLU B 434 -1.69 -29.24 -24.14
CA GLU B 434 -1.26 -28.21 -25.09
C GLU B 434 -2.25 -27.96 -26.25
N GLY B 435 -3.00 -28.99 -26.62
CA GLY B 435 -4.08 -28.92 -27.63
C GLY B 435 -5.10 -27.84 -27.39
N ALA B 436 -5.63 -27.78 -26.17
CA ALA B 436 -6.47 -26.65 -25.70
C ALA B 436 -5.93 -25.20 -25.99
N ASN B 437 -4.62 -24.99 -25.93
CA ASN B 437 -4.07 -23.64 -26.05
C ASN B 437 -4.23 -23.11 -27.42
N LYS B 438 -4.53 -24.00 -28.35
CA LYS B 438 -4.76 -23.59 -29.73
C LYS B 438 -5.81 -22.47 -29.78
N LEU B 439 -6.71 -22.42 -28.79
CA LEU B 439 -7.78 -21.46 -28.77
C LEU B 439 -7.25 -20.10 -28.53
N ARG B 440 -6.11 -19.99 -27.83
CA ARG B 440 -5.60 -18.68 -27.57
C ARG B 440 -4.52 -18.32 -28.60
N TYR B 441 -3.95 -19.29 -29.35
CA TYR B 441 -2.86 -18.98 -30.26
C TYR B 441 -3.33 -18.39 -31.58
N PRO B 442 -2.46 -17.59 -32.21
CA PRO B 442 -2.79 -17.18 -33.59
C PRO B 442 -2.73 -18.42 -34.52
N PRO B 443 -3.40 -18.40 -35.69
CA PRO B 443 -4.18 -17.30 -36.18
C PRO B 443 -5.48 -17.19 -35.42
N ASN B 444 -5.88 -15.93 -35.20
CA ASN B 444 -7.19 -15.67 -34.70
C ASN B 444 -8.24 -15.83 -35.81
N SER B 445 -9.49 -15.99 -35.37
CA SER B 445 -10.67 -16.34 -36.19
C SER B 445 -11.92 -15.96 -35.42
N GLN B 446 -13.00 -15.77 -36.17
CA GLN B 446 -14.28 -15.54 -35.61
C GLN B 446 -14.69 -16.65 -34.61
N SER B 447 -14.31 -17.88 -34.95
CA SER B 447 -14.68 -18.98 -34.07
C SER B 447 -13.94 -18.88 -32.71
N LYS B 448 -12.64 -18.65 -32.73
CA LYS B 448 -11.89 -18.43 -31.45
C LYS B 448 -12.51 -17.22 -30.65
N VAL B 449 -12.84 -16.11 -31.34
CA VAL B 449 -13.41 -15.01 -30.66
C VAL B 449 -14.69 -15.37 -29.98
N ASP B 450 -15.52 -16.14 -30.71
CA ASP B 450 -16.79 -16.62 -30.16
C ASP B 450 -16.62 -17.62 -29.03
N TRP B 451 -15.58 -18.42 -29.10
CA TRP B 451 -15.24 -19.28 -27.98
C TRP B 451 -15.15 -18.42 -26.70
N GLY B 452 -14.38 -17.33 -26.81
CA GLY B 452 -14.19 -16.40 -25.70
C GLY B 452 -15.45 -15.77 -25.21
N LYS B 453 -16.30 -15.32 -26.12
CA LYS B 453 -17.59 -14.77 -25.67
C LYS B 453 -18.48 -15.78 -24.89
N PHE B 454 -18.48 -17.01 -25.33
CA PHE B 454 -19.28 -18.01 -24.73
C PHE B 454 -18.70 -18.53 -23.38
N PHE B 455 -17.39 -18.68 -23.29
CA PHE B 455 -16.82 -19.20 -22.04
C PHE B 455 -16.33 -18.17 -21.04
N LEU B 456 -15.93 -17.00 -21.50
CA LEU B 456 -15.38 -16.00 -20.58
C LEU B 456 -16.38 -14.97 -20.15
N LEU B 457 -17.50 -14.81 -20.84
CA LEU B 457 -18.50 -13.82 -20.44
C LEU B 457 -19.80 -14.43 -20.01
N LYS B 458 -20.63 -13.64 -19.27
CA LYS B 458 -22.02 -14.00 -18.83
C LYS B 458 -23.15 -13.70 -19.85
#